data_5Y3S
#
_entry.id   5Y3S
#
_cell.length_a   141.480
_cell.length_b   141.480
_cell.length_c   294.000
_cell.angle_alpha   90.00
_cell.angle_beta   90.00
_cell.angle_gamma   120.00
#
_symmetry.space_group_name_H-M   'H 3 2'
#
loop_
_entity.id
_entity.type
_entity.pdbx_description
1 polymer 'NACHT, LRR and PYD domains-containing protein 1'
2 non-polymer 'PHOSPHATE ION'
3 non-polymer 'SODIUM ION'
4 water water
#
_entity_poly.entity_id   1
_entity_poly.type   'polypeptide(L)'
_entity_poly.pdbx_seq_one_letter_code
;GSVDVPVTDAYWQILFSVLKVTRNLKELDLSGNSLSHSAVKSLCKTLRRPRCLLETLRLAGCGLTAEDCKDLAFGLRANQ
TLTELDLSFNVLTDAGAKHLCQRLRQPSCKLQRLQLVSCGLTSDCCQDLASVLSASPSLKELDLQQNNLDDVGVRLLCEG
LRHPACKLIRLGLDQTTLSDEMRQELRALEQEKPQLLIFSRRKPS
;
_entity_poly.pdbx_strand_id   A,B,C,D
#
loop_
_chem_comp.id
_chem_comp.type
_chem_comp.name
_chem_comp.formula
NA non-polymer 'SODIUM ION' 'Na 1'
PO4 non-polymer 'PHOSPHATE ION' 'O4 P -3'
#
# COMPACT_ATOMS: atom_id res chain seq x y z
N VAL A 7 -18.18 3.73 -9.83
CA VAL A 7 -17.85 2.92 -10.99
C VAL A 7 -18.16 1.44 -10.72
N THR A 8 -18.98 0.86 -11.60
CA THR A 8 -19.65 -0.41 -11.31
C THR A 8 -18.76 -1.62 -11.57
N ASP A 9 -19.13 -2.75 -10.98
CA ASP A 9 -18.33 -3.96 -11.11
C ASP A 9 -18.30 -4.46 -12.55
N ALA A 10 -19.46 -4.43 -13.24
CA ALA A 10 -19.51 -4.85 -14.63
C ALA A 10 -18.52 -4.07 -15.48
N TYR A 11 -18.38 -2.75 -15.21
CA TYR A 11 -17.39 -1.96 -15.93
C TYR A 11 -15.98 -2.44 -15.67
N TRP A 12 -15.59 -2.56 -14.39
CA TRP A 12 -14.28 -3.10 -14.07
C TRP A 12 -14.05 -4.43 -14.76
N GLN A 13 -15.05 -5.30 -14.72
CA GLN A 13 -14.89 -6.64 -15.27
C GLN A 13 -14.54 -6.58 -16.76
N ILE A 14 -15.19 -5.67 -17.49
CA ILE A 14 -14.90 -5.46 -18.90
C ILE A 14 -13.57 -4.74 -19.06
N LEU A 15 -13.22 -3.84 -18.12
CA LEU A 15 -11.96 -3.12 -18.25
C LEU A 15 -10.78 -4.08 -18.18
N PHE A 16 -10.78 -4.98 -17.21
CA PHE A 16 -9.63 -5.88 -17.10
C PHE A 16 -9.62 -6.93 -18.19
N SER A 17 -10.77 -7.17 -18.84
CA SER A 17 -10.73 -8.06 -19.99
C SER A 17 -10.15 -7.35 -21.21
N VAL A 18 -10.33 -6.04 -21.31
CA VAL A 18 -9.70 -5.30 -22.39
C VAL A 18 -8.18 -5.30 -22.22
N LEU A 19 -7.70 -5.27 -20.98
CA LEU A 19 -6.26 -5.23 -20.72
C LEU A 19 -5.55 -6.49 -21.24
N LYS A 20 -6.17 -7.66 -21.06
CA LYS A 20 -5.53 -8.91 -21.50
C LYS A 20 -5.35 -8.99 -23.01
N VAL A 21 -6.02 -8.14 -23.79
CA VAL A 21 -5.99 -8.22 -25.24
C VAL A 21 -5.52 -6.92 -25.87
N THR A 22 -4.86 -6.06 -25.08
CA THR A 22 -4.09 -4.93 -25.60
C THR A 22 -2.61 -5.23 -25.42
N ARG A 23 -1.81 -4.80 -26.38
CA ARG A 23 -0.43 -5.27 -26.44
C ARG A 23 0.59 -4.21 -26.05
N ASN A 24 1.67 -4.70 -25.46
CA ASN A 24 2.75 -3.86 -24.95
C ASN A 24 2.21 -2.74 -24.07
N LEU A 25 1.18 -3.07 -23.30
CA LEU A 25 0.72 -2.23 -22.20
C LEU A 25 1.56 -2.60 -20.99
N LYS A 26 2.47 -1.69 -20.61
CA LYS A 26 3.47 -2.02 -19.62
C LYS A 26 3.27 -1.29 -18.30
N GLU A 27 2.52 -0.18 -18.28
CA GLU A 27 2.22 0.51 -17.03
C GLU A 27 0.71 0.68 -16.86
N LEU A 28 0.18 0.16 -15.77
CA LEU A 28 -1.22 0.38 -15.39
C LEU A 28 -1.30 1.27 -14.15
N ASP A 29 -2.00 2.40 -14.27
CA ASP A 29 -2.09 3.40 -13.20
C ASP A 29 -3.56 3.71 -12.92
N LEU A 30 -4.11 3.08 -11.88
CA LEU A 30 -5.49 3.30 -11.46
C LEU A 30 -5.62 4.26 -10.27
N SER A 31 -4.57 4.99 -9.94
CA SER A 31 -4.61 5.88 -8.78
C SER A 31 -5.80 6.81 -8.81
N GLY A 32 -6.45 6.96 -7.67
CA GLY A 32 -7.61 7.81 -7.53
C GLY A 32 -8.93 7.11 -7.76
N ASN A 33 -8.93 5.93 -8.37
CA ASN A 33 -10.16 5.17 -8.56
C ASN A 33 -10.40 4.26 -7.36
N SER A 34 -11.58 4.36 -6.78
CA SER A 34 -11.96 3.45 -5.72
C SER A 34 -12.19 2.07 -6.31
N LEU A 35 -11.42 1.09 -5.85
CA LEU A 35 -11.51 -0.25 -6.38
C LEU A 35 -12.25 -1.11 -5.36
N SER A 36 -13.46 -1.51 -5.71
CA SER A 36 -14.19 -2.47 -4.93
C SER A 36 -13.42 -3.79 -4.87
N HIS A 37 -13.88 -4.68 -4.01
CA HIS A 37 -13.24 -5.97 -3.95
C HIS A 37 -13.47 -6.76 -5.24
N SER A 38 -14.58 -6.53 -5.92
CA SER A 38 -14.77 -7.14 -7.23
C SER A 38 -13.73 -6.65 -8.22
N ALA A 39 -13.47 -5.35 -8.26
CA ALA A 39 -12.44 -4.79 -9.11
C ALA A 39 -11.07 -5.37 -8.79
N VAL A 40 -10.76 -5.56 -7.50
CA VAL A 40 -9.43 -6.02 -7.11
C VAL A 40 -9.22 -7.47 -7.53
N LYS A 41 -10.26 -8.29 -7.43
CA LYS A 41 -10.09 -9.68 -7.85
C LYS A 41 -9.92 -9.80 -9.37
N SER A 42 -10.71 -9.05 -10.15
CA SER A 42 -10.49 -8.99 -11.59
C SER A 42 -9.05 -8.65 -11.92
N LEU A 43 -8.50 -7.62 -11.26
CA LEU A 43 -7.13 -7.20 -11.55
C LEU A 43 -6.15 -8.31 -11.27
N CYS A 44 -6.43 -9.11 -10.23
CA CYS A 44 -5.58 -10.24 -9.91
C CYS A 44 -5.52 -11.24 -11.06
N LYS A 45 -6.59 -11.31 -11.87
CA LYS A 45 -6.60 -12.21 -13.02
C LYS A 45 -5.72 -11.68 -14.15
N THR A 46 -5.85 -10.39 -14.47
CA THR A 46 -5.01 -9.84 -15.53
C THR A 46 -3.52 -9.92 -15.15
N LEU A 47 -3.21 -10.00 -13.86
CA LEU A 47 -1.84 -10.15 -13.38
C LEU A 47 -1.38 -11.59 -13.41
N ARG A 48 -2.31 -12.54 -13.48
CA ARG A 48 -1.99 -13.96 -13.51
C ARG A 48 -2.07 -14.57 -14.91
N ARG A 49 -2.47 -13.80 -15.92
CA ARG A 49 -2.29 -14.23 -17.31
C ARG A 49 -0.80 -14.23 -17.64
N PRO A 50 -0.28 -15.29 -18.27
CA PRO A 50 1.17 -15.39 -18.44
C PRO A 50 1.77 -14.32 -19.33
N ARG A 51 0.97 -13.70 -20.20
CA ARG A 51 1.46 -12.69 -21.12
C ARG A 51 1.43 -11.28 -20.49
N CYS A 52 1.17 -11.16 -19.17
CA CYS A 52 1.06 -9.85 -18.53
C CYS A 52 2.36 -9.08 -18.73
N LEU A 53 2.35 -8.09 -19.62
CA LEU A 53 3.54 -7.29 -19.86
C LEU A 53 3.70 -6.15 -18.88
N LEU A 54 3.03 -6.20 -17.73
CA LEU A 54 3.00 -5.04 -16.84
C LEU A 54 4.25 -5.02 -15.97
N GLU A 55 4.98 -3.91 -16.04
CA GLU A 55 6.13 -3.65 -15.18
C GLU A 55 5.82 -2.65 -14.08
N THR A 56 4.75 -1.86 -14.23
CA THR A 56 4.41 -0.81 -13.28
C THR A 56 2.92 -0.86 -13.01
N LEU A 57 2.55 -0.96 -11.74
CA LEU A 57 1.17 -1.00 -11.30
C LEU A 57 1.02 0.00 -10.17
N ARG A 58 0.14 0.97 -10.35
CA ARG A 58 -0.02 2.07 -9.41
C ARG A 58 -1.45 2.05 -8.89
N LEU A 59 -1.58 1.81 -7.58
CA LEU A 59 -2.86 1.66 -6.92
C LEU A 59 -2.97 2.62 -5.75
N ALA A 60 -2.48 3.85 -5.93
CA ALA A 60 -2.41 4.81 -4.83
C ALA A 60 -3.76 5.47 -4.64
N GLY A 61 -4.22 5.51 -3.39
CA GLY A 61 -5.46 6.20 -3.10
C GLY A 61 -6.62 5.56 -3.81
N CYS A 62 -6.74 4.24 -3.67
CA CYS A 62 -7.76 3.46 -4.34
C CYS A 62 -8.76 2.85 -3.36
N GLY A 63 -8.57 3.05 -2.06
CA GLY A 63 -9.41 2.41 -1.07
C GLY A 63 -9.07 0.97 -0.77
N LEU A 64 -7.84 0.55 -1.04
CA LEU A 64 -7.47 -0.83 -0.76
C LEU A 64 -7.37 -1.02 0.75
N THR A 65 -7.75 -2.22 1.18
CA THR A 65 -7.71 -2.63 2.57
C THR A 65 -6.83 -3.86 2.70
N ALA A 66 -6.68 -4.34 3.94
CA ALA A 66 -5.81 -5.47 4.22
C ALA A 66 -6.18 -6.68 3.36
N GLU A 67 -7.47 -7.00 3.25
CA GLU A 67 -7.87 -8.17 2.48
C GLU A 67 -7.45 -8.06 1.02
N ASP A 68 -7.42 -6.84 0.47
CA ASP A 68 -6.99 -6.67 -0.91
C ASP A 68 -5.52 -7.03 -1.09
N CYS A 69 -4.71 -6.90 -0.04
CA CYS A 69 -3.32 -7.30 -0.12
C CYS A 69 -3.18 -8.80 -0.28
N LYS A 70 -4.07 -9.59 0.34
CA LYS A 70 -4.01 -11.02 0.18
C LYS A 70 -4.23 -11.41 -1.29
N ASP A 71 -5.30 -10.89 -1.89
CA ASP A 71 -5.55 -11.15 -3.30
C ASP A 71 -4.39 -10.67 -4.16
N LEU A 72 -3.76 -9.56 -3.76
CA LEU A 72 -2.71 -8.99 -4.58
C LEU A 72 -1.46 -9.87 -4.55
N ALA A 73 -1.04 -10.29 -3.37
CA ALA A 73 0.13 -11.14 -3.27
C ALA A 73 -0.11 -12.48 -3.96
N PHE A 74 -1.34 -12.97 -3.91
CA PHE A 74 -1.67 -14.24 -4.56
C PHE A 74 -1.63 -14.11 -6.07
N GLY A 75 -2.15 -13.00 -6.60
CA GLY A 75 -2.09 -12.80 -8.04
C GLY A 75 -0.71 -12.58 -8.62
N LEU A 76 0.31 -12.38 -7.78
CA LEU A 76 1.66 -12.12 -8.27
C LEU A 76 2.62 -13.27 -8.05
N ARG A 77 2.13 -14.45 -7.65
CA ARG A 77 3.04 -15.55 -7.38
C ARG A 77 3.78 -15.99 -8.63
N ALA A 78 3.10 -15.98 -9.78
CA ALA A 78 3.69 -16.42 -11.03
C ALA A 78 4.11 -15.27 -11.93
N ASN A 79 4.29 -14.07 -11.38
CA ASN A 79 4.71 -12.91 -12.17
C ASN A 79 6.16 -12.59 -11.79
N GLN A 80 7.01 -12.48 -12.82
CA GLN A 80 8.39 -12.07 -12.63
C GLN A 80 8.74 -10.87 -13.50
N THR A 81 7.73 -10.18 -14.03
CA THR A 81 7.90 -9.00 -14.87
C THR A 81 7.64 -7.68 -14.13
N LEU A 82 6.67 -7.66 -13.21
CA LEU A 82 6.33 -6.43 -12.51
C LEU A 82 7.50 -5.94 -11.65
N THR A 83 7.92 -4.68 -11.86
CA THR A 83 9.05 -4.11 -11.12
C THR A 83 8.71 -2.90 -10.27
N GLU A 84 7.63 -2.18 -10.56
CA GLU A 84 7.18 -1.10 -9.69
C GLU A 84 5.77 -1.41 -9.18
N LEU A 85 5.57 -1.19 -7.89
CA LEU A 85 4.26 -1.29 -7.26
C LEU A 85 4.10 -0.12 -6.31
N ASP A 86 3.03 0.65 -6.49
CA ASP A 86 2.67 1.75 -5.59
C ASP A 86 1.36 1.42 -4.89
N LEU A 87 1.42 1.26 -3.57
CA LEU A 87 0.21 1.06 -2.78
C LEU A 87 -0.03 2.21 -1.79
N SER A 88 0.64 3.36 -2.02
CA SER A 88 0.53 4.52 -1.13
C SER A 88 -0.91 4.95 -0.95
N PHE A 89 -1.18 5.58 0.19
CA PHE A 89 -2.48 6.18 0.48
C PHE A 89 -3.61 5.15 0.40
N ASN A 90 -3.39 4.00 1.01
CA ASN A 90 -4.45 3.04 1.28
C ASN A 90 -4.28 2.55 2.72
N VAL A 91 -5.39 2.38 3.42
CA VAL A 91 -5.32 1.94 4.80
C VAL A 91 -5.08 0.44 4.78
N LEU A 92 -3.85 0.03 4.48
CA LEU A 92 -3.55 -1.40 4.38
C LEU A 92 -3.32 -2.02 5.76
N THR A 93 -2.80 -1.24 6.72
CA THR A 93 -2.44 -1.71 8.06
C THR A 93 -1.33 -2.75 7.98
N ASP A 94 -0.73 -3.07 9.13
CA ASP A 94 0.28 -4.12 9.22
C ASP A 94 -0.24 -5.47 8.74
N ALA A 95 -1.54 -5.71 8.78
CA ALA A 95 -2.04 -6.99 8.27
C ALA A 95 -1.88 -7.07 6.76
N GLY A 96 -2.33 -6.03 6.04
CA GLY A 96 -2.07 -5.98 4.60
C GLY A 96 -0.60 -6.13 4.26
N ALA A 97 0.27 -5.40 4.98
CA ALA A 97 1.70 -5.43 4.72
C ALA A 97 2.27 -6.82 4.94
N LYS A 98 1.64 -7.61 5.80
CA LYS A 98 2.13 -8.94 6.08
C LYS A 98 1.85 -9.88 4.91
N HIS A 99 0.62 -9.84 4.38
CA HIS A 99 0.31 -10.59 3.16
C HIS A 99 1.28 -10.26 2.03
N LEU A 100 1.61 -8.98 1.85
CA LEU A 100 2.52 -8.60 0.77
C LEU A 100 3.90 -9.18 0.98
N CYS A 101 4.41 -9.10 2.21
CA CYS A 101 5.78 -9.52 2.50
C CYS A 101 5.97 -11.00 2.29
N GLN A 102 4.94 -11.80 2.53
CA GLN A 102 5.11 -13.23 2.31
C GLN A 102 5.43 -13.51 0.86
N ARG A 103 4.89 -12.70 -0.06
CA ARG A 103 5.20 -12.86 -1.48
C ARG A 103 6.49 -12.16 -1.89
N LEU A 104 6.73 -10.95 -1.40
CA LEU A 104 7.98 -10.26 -1.73
C LEU A 104 9.19 -11.04 -1.26
N ARG A 105 9.04 -11.78 -0.18
CA ARG A 105 10.15 -12.54 0.38
C ARG A 105 10.50 -13.76 -0.47
N GLN A 106 9.62 -14.18 -1.38
CA GLN A 106 9.94 -15.31 -2.23
C GLN A 106 11.16 -15.00 -3.10
N PRO A 107 12.03 -15.99 -3.33
CA PRO A 107 13.11 -15.78 -4.33
C PRO A 107 12.55 -15.57 -5.73
N SER A 108 11.38 -16.12 -6.01
CA SER A 108 10.78 -15.96 -7.33
C SER A 108 10.34 -14.52 -7.60
N CYS A 109 10.04 -13.76 -6.56
CA CYS A 109 9.58 -12.39 -6.73
C CYS A 109 10.80 -11.49 -6.87
N LYS A 110 10.76 -10.59 -7.84
CA LYS A 110 11.89 -9.72 -8.10
C LYS A 110 11.41 -8.27 -8.29
N LEU A 111 10.60 -7.80 -7.35
CA LEU A 111 10.24 -6.40 -7.32
C LEU A 111 11.46 -5.53 -7.07
N GLN A 112 11.50 -4.36 -7.68
CA GLN A 112 12.60 -3.42 -7.51
C GLN A 112 12.20 -2.17 -6.73
N ARG A 113 10.98 -1.66 -6.95
CA ARG A 113 10.51 -0.45 -6.27
C ARG A 113 9.15 -0.73 -5.63
N LEU A 114 9.09 -0.53 -4.32
CA LEU A 114 7.84 -0.65 -3.59
C LEU A 114 7.63 0.65 -2.81
N GLN A 115 6.46 1.26 -2.97
CA GLN A 115 6.07 2.39 -2.15
C GLN A 115 4.89 2.00 -1.28
N LEU A 116 5.02 2.26 0.02
CA LEU A 116 3.95 2.08 1.01
C LEU A 116 3.82 3.35 1.85
N VAL A 117 3.76 4.50 1.16
CA VAL A 117 3.63 5.80 1.82
C VAL A 117 2.23 5.94 2.39
N SER A 118 2.14 6.24 3.68
CA SER A 118 0.88 6.58 4.32
C SER A 118 -0.09 5.39 4.25
N CYS A 119 0.39 4.21 4.62
CA CYS A 119 -0.49 3.05 4.56
C CYS A 119 -0.95 2.57 5.94
N GLY A 120 -0.73 3.34 7.00
CA GLY A 120 -1.09 2.87 8.33
C GLY A 120 -0.22 1.76 8.87
N LEU A 121 1.05 1.68 8.46
CA LEU A 121 1.96 0.69 9.01
C LEU A 121 2.53 1.17 10.33
N THR A 122 2.84 0.19 11.19
CA THR A 122 3.55 0.46 12.45
C THR A 122 4.77 -0.44 12.59
N SER A 123 5.38 -0.41 13.78
CA SER A 123 6.51 -1.27 14.05
C SER A 123 6.16 -2.74 13.88
N ASP A 124 4.87 -3.10 13.93
CA ASP A 124 4.51 -4.51 13.86
C ASP A 124 4.96 -5.16 12.55
N CYS A 125 4.92 -4.41 11.43
CA CYS A 125 5.23 -4.99 10.12
C CYS A 125 6.73 -5.00 9.81
N CYS A 126 7.56 -4.38 10.64
CA CYS A 126 8.97 -4.21 10.28
C CYS A 126 9.73 -5.53 10.30
N GLN A 127 9.25 -6.52 11.05
CA GLN A 127 9.88 -7.83 11.02
C GLN A 127 9.63 -8.51 9.69
N ASP A 128 8.39 -8.44 9.20
CA ASP A 128 8.11 -8.92 7.84
C ASP A 128 8.82 -8.09 6.77
N LEU A 129 8.97 -6.77 6.96
CA LEU A 129 9.72 -5.97 6.00
C LEU A 129 11.19 -6.37 6.01
N ALA A 130 11.80 -6.45 7.20
CA ALA A 130 13.21 -6.83 7.29
C ALA A 130 13.43 -8.20 6.65
N SER A 131 12.47 -9.10 6.82
CA SER A 131 12.54 -10.40 6.15
C SER A 131 12.64 -10.22 4.63
N VAL A 132 11.87 -9.30 4.07
CA VAL A 132 11.98 -8.99 2.65
C VAL A 132 13.35 -8.37 2.34
N LEU A 133 13.78 -7.39 3.15
CA LEU A 133 15.04 -6.73 2.93
C LEU A 133 16.20 -7.72 2.81
N SER A 134 16.23 -8.71 3.68
CA SER A 134 17.37 -9.60 3.77
C SER A 134 17.21 -10.84 2.88
N ALA A 135 16.20 -10.89 2.01
CA ALA A 135 16.03 -12.05 1.15
C ALA A 135 15.48 -11.72 -0.23
N SER A 136 15.35 -10.45 -0.58
CA SER A 136 14.79 -10.11 -1.88
C SER A 136 15.88 -10.00 -2.94
N PRO A 137 15.73 -10.70 -4.06
CA PRO A 137 16.80 -10.71 -5.08
C PRO A 137 16.90 -9.39 -5.84
N SER A 138 15.91 -8.52 -5.79
CA SER A 138 15.98 -7.34 -6.66
C SER A 138 15.49 -6.04 -6.04
N LEU A 139 14.94 -6.05 -4.80
CA LEU A 139 14.41 -4.83 -4.22
C LEU A 139 15.48 -3.77 -3.99
N LYS A 140 15.33 -2.62 -4.67
CA LYS A 140 16.26 -1.50 -4.56
C LYS A 140 15.66 -0.25 -3.92
N GLU A 141 14.34 -0.12 -3.85
CA GLU A 141 13.68 1.10 -3.35
C GLU A 141 12.48 0.72 -2.51
N LEU A 142 12.49 1.16 -1.26
CA LEU A 142 11.38 0.94 -0.35
C LEU A 142 11.02 2.27 0.25
N ASP A 143 9.79 2.73 0.00
CA ASP A 143 9.32 4.01 0.52
C ASP A 143 8.32 3.74 1.65
N LEU A 144 8.72 4.04 2.89
CA LEU A 144 7.89 3.86 4.07
C LEU A 144 7.51 5.19 4.71
N GLN A 145 7.64 6.29 3.97
CA GLN A 145 7.36 7.60 4.55
C GLN A 145 5.93 7.68 5.05
N GLN A 146 5.71 8.63 5.98
CA GLN A 146 4.38 8.94 6.47
C GLN A 146 3.68 7.71 7.05
N ASN A 147 4.45 6.92 7.79
CA ASN A 147 3.90 5.86 8.64
C ASN A 147 4.37 6.09 10.07
N ASN A 148 3.74 5.39 11.02
CA ASN A 148 4.10 5.54 12.44
C ASN A 148 5.04 4.44 12.92
N LEU A 149 6.29 4.49 12.44
CA LEU A 149 7.33 3.59 12.91
C LEU A 149 8.12 4.25 14.04
N ASP A 150 8.37 3.52 15.12
CA ASP A 150 9.22 3.99 16.20
C ASP A 150 10.53 3.20 16.23
N ASP A 151 11.30 3.37 17.32
CA ASP A 151 12.62 2.75 17.39
C ASP A 151 12.53 1.23 17.39
N VAL A 152 11.49 0.67 18.00
CA VAL A 152 11.27 -0.78 17.94
C VAL A 152 11.30 -1.25 16.50
N GLY A 153 10.48 -0.61 15.66
CA GLY A 153 10.36 -1.06 14.28
C GLY A 153 11.61 -0.78 13.46
N VAL A 154 12.19 0.41 13.59
CA VAL A 154 13.32 0.78 12.74
C VAL A 154 14.52 -0.09 13.05
N ARG A 155 14.74 -0.43 14.33
CA ARG A 155 15.84 -1.33 14.71
CA ARG A 155 15.87 -1.31 14.65
C ARG A 155 15.70 -2.68 14.01
N LEU A 156 14.47 -3.17 13.88
CA LEU A 156 14.26 -4.40 13.12
C LEU A 156 14.57 -4.21 11.64
N LEU A 157 14.25 -3.03 11.08
CA LEU A 157 14.61 -2.72 9.70
C LEU A 157 16.13 -2.70 9.52
N CYS A 158 16.84 -2.10 10.48
CA CYS A 158 18.29 -2.02 10.39
C CYS A 158 18.93 -3.41 10.32
N GLU A 159 18.38 -4.39 11.06
CA GLU A 159 18.89 -5.76 10.96
C GLU A 159 18.77 -6.27 9.53
N GLY A 160 17.65 -5.98 8.86
CA GLY A 160 17.53 -6.33 7.46
C GLY A 160 18.46 -5.52 6.58
N LEU A 161 18.68 -4.24 6.91
CA LEU A 161 19.55 -3.43 6.08
C LEU A 161 21.00 -3.94 6.14
N ARG A 162 21.45 -4.36 7.33
CA ARG A 162 22.84 -4.77 7.52
C ARG A 162 23.14 -6.14 6.93
N HIS A 163 22.14 -6.85 6.47
CA HIS A 163 22.31 -8.20 5.97
C HIS A 163 23.09 -8.16 4.66
N PRO A 164 24.20 -8.89 4.54
CA PRO A 164 25.03 -8.78 3.32
C PRO A 164 24.25 -9.04 2.03
N ALA A 165 23.12 -9.72 2.09
CA ALA A 165 22.31 -9.96 0.91
C ALA A 165 21.41 -8.78 0.55
N CYS A 166 21.22 -7.82 1.47
CA CYS A 166 20.31 -6.71 1.24
C CYS A 166 20.84 -5.78 0.16
N LYS A 167 19.94 -5.28 -0.66
CA LYS A 167 20.38 -4.59 -1.87
C LYS A 167 19.80 -3.20 -2.03
N LEU A 168 19.18 -2.64 -1.00
CA LEU A 168 18.49 -1.39 -1.17
C LEU A 168 19.47 -0.25 -1.41
N ILE A 169 19.08 0.67 -2.29
CA ILE A 169 19.82 1.90 -2.49
C ILE A 169 19.08 3.11 -1.99
N ARG A 170 17.74 3.08 -1.97
CA ARG A 170 16.95 4.19 -1.43
C ARG A 170 15.92 3.66 -0.46
N LEU A 171 15.87 4.26 0.73
CA LEU A 171 14.90 3.91 1.75
C LEU A 171 14.23 5.20 2.21
N GLY A 172 12.95 5.34 1.88
CA GLY A 172 12.18 6.48 2.35
C GLY A 172 11.65 6.24 3.74
N LEU A 173 12.11 7.03 4.71
CA LEU A 173 11.84 6.77 6.11
C LEU A 173 11.86 8.08 6.87
N ASP A 174 10.74 8.39 7.53
CA ASP A 174 10.65 9.56 8.39
C ASP A 174 11.41 9.29 9.70
N GLN A 175 12.36 10.15 10.03
CA GLN A 175 13.07 10.05 11.30
C GLN A 175 12.56 11.05 12.34
N THR A 176 11.29 11.44 12.26
CA THR A 176 10.79 12.56 13.05
C THR A 176 10.78 12.24 14.54
N THR A 177 10.23 11.08 14.91
CA THR A 177 10.03 10.73 16.31
C THR A 177 11.03 9.68 16.79
N LEU A 178 12.05 9.36 16.01
CA LEU A 178 13.07 8.42 16.46
C LEU A 178 13.98 9.09 17.50
N SER A 179 14.39 8.29 18.49
CA SER A 179 15.37 8.74 19.46
C SER A 179 16.70 9.05 18.77
N ASP A 180 17.50 9.90 19.41
CA ASP A 180 18.79 10.27 18.84
C ASP A 180 19.72 9.07 18.77
N GLU A 181 19.54 8.09 19.66
CA GLU A 181 20.24 6.83 19.52
C GLU A 181 19.87 6.16 18.20
N MET A 182 18.57 6.10 17.89
CA MET A 182 18.12 5.54 16.62
C MET A 182 18.71 6.28 15.45
N ARG A 183 18.60 7.61 15.44
CA ARG A 183 19.14 8.41 14.35
C ARG A 183 20.61 8.11 14.13
N GLN A 184 21.37 7.99 15.23
CA GLN A 184 22.78 7.66 15.13
C GLN A 184 23.02 6.28 14.53
N GLU A 185 22.21 5.29 14.94
CA GLU A 185 22.29 3.98 14.30
C GLU A 185 22.06 4.08 12.80
N LEU A 186 21.13 4.94 12.38
CA LEU A 186 20.87 5.11 10.96
C LEU A 186 22.05 5.77 10.25
N ARG A 187 22.72 6.68 10.94
CA ARG A 187 23.84 7.38 10.31
C ARG A 187 25.08 6.51 10.28
N ALA A 188 25.30 5.69 11.31
CA ALA A 188 26.36 4.69 11.25
C ALA A 188 26.16 3.73 10.09
N LEU A 189 24.91 3.43 9.75
CA LEU A 189 24.63 2.49 8.68
C LEU A 189 24.93 3.07 7.31
N GLU A 190 25.07 4.40 7.22
CA GLU A 190 25.52 5.01 5.97
C GLU A 190 26.92 4.56 5.62
N GLN A 191 27.74 4.25 6.63
CA GLN A 191 29.13 3.87 6.42
C GLN A 191 29.31 2.36 6.28
N GLU A 192 28.47 1.55 6.93
CA GLU A 192 28.52 0.10 6.71
C GLU A 192 27.94 -0.26 5.34
N LYS A 193 26.97 0.52 4.85
CA LYS A 193 26.37 0.33 3.52
C LYS A 193 26.48 1.67 2.79
N PRO A 194 27.52 1.85 1.99
CA PRO A 194 27.81 3.18 1.45
C PRO A 194 26.88 3.63 0.32
N GLN A 195 26.17 2.70 -0.35
CA GLN A 195 25.34 3.07 -1.49
C GLN A 195 23.84 3.08 -1.13
N LEU A 196 23.50 3.10 0.15
CA LEU A 196 22.10 3.19 0.59
C LEU A 196 21.79 4.64 0.95
N LEU A 197 20.80 5.23 0.29
CA LEU A 197 20.39 6.59 0.60
C LEU A 197 19.07 6.55 1.36
N ILE A 198 19.01 7.24 2.50
CA ILE A 198 17.84 7.28 3.37
C ILE A 198 17.27 8.69 3.28
N PHE A 199 16.15 8.84 2.58
CA PHE A 199 15.56 10.15 2.31
C PHE A 199 14.23 10.31 3.04
N SER A 200 13.76 11.56 3.04
CA SER A 200 12.44 11.90 3.57
C SER A 200 12.08 13.28 3.04
N ARG A 201 10.99 13.37 2.26
CA ARG A 201 10.48 14.67 1.80
C ARG A 201 9.98 15.52 2.95
N ARG A 202 9.79 14.95 4.12
CA ARG A 202 9.28 15.62 5.31
C ARG A 202 10.39 16.23 6.17
N LYS A 203 11.66 15.92 5.87
CA LYS A 203 12.78 16.55 6.55
C LYS A 203 13.37 17.62 5.67
N PRO A 204 13.44 18.89 6.15
CA PRO A 204 14.00 20.01 5.37
C PRO A 204 15.49 19.84 5.11
N VAL B 5 -24.45 -4.18 -37.17
CA VAL B 5 -24.67 -4.79 -35.85
C VAL B 5 -24.59 -3.70 -34.75
N PRO B 6 -25.73 -3.36 -34.15
CA PRO B 6 -25.73 -2.35 -33.07
C PRO B 6 -25.39 -2.89 -31.69
N VAL B 7 -25.39 -4.21 -31.47
CA VAL B 7 -25.26 -4.74 -30.11
C VAL B 7 -23.85 -4.63 -29.54
N THR B 8 -22.85 -4.23 -30.33
CA THR B 8 -21.49 -4.07 -29.84
C THR B 8 -21.05 -2.61 -29.67
N ASP B 9 -21.95 -1.63 -29.86
CA ASP B 9 -21.54 -0.24 -29.73
C ASP B 9 -21.10 0.09 -28.31
N ALA B 10 -21.74 -0.54 -27.32
CA ALA B 10 -21.39 -0.32 -25.93
C ALA B 10 -19.97 -0.78 -25.64
N TYR B 11 -19.54 -1.90 -26.25
CA TYR B 11 -18.16 -2.34 -26.03
C TYR B 11 -17.17 -1.28 -26.51
N TRP B 12 -17.47 -0.59 -27.61
CA TRP B 12 -16.49 0.38 -28.08
C TRP B 12 -16.51 1.63 -27.20
N GLN B 13 -17.70 2.05 -26.75
CA GLN B 13 -17.75 3.16 -25.79
C GLN B 13 -16.95 2.84 -24.53
N ILE B 14 -16.99 1.58 -24.10
CA ILE B 14 -16.31 1.24 -22.86
C ILE B 14 -14.80 1.18 -23.06
N LEU B 15 -14.34 0.63 -24.19
CA LEU B 15 -12.90 0.48 -24.40
C LEU B 15 -12.19 1.83 -24.53
N PHE B 16 -12.82 2.82 -25.18
CA PHE B 16 -12.20 4.14 -25.20
C PHE B 16 -12.18 4.74 -23.80
N SER B 17 -13.24 4.52 -23.02
CA SER B 17 -13.20 4.89 -21.61
C SER B 17 -12.06 4.19 -20.89
N VAL B 18 -11.85 2.89 -21.14
CA VAL B 18 -10.78 2.16 -20.45
C VAL B 18 -9.42 2.80 -20.71
N LEU B 19 -9.27 3.48 -21.86
CA LEU B 19 -7.95 3.93 -22.28
C LEU B 19 -7.31 4.88 -21.27
N LYS B 20 -8.10 5.78 -20.66
CA LYS B 20 -7.52 6.78 -19.76
C LYS B 20 -6.78 6.17 -18.57
N VAL B 21 -7.04 4.90 -18.24
CA VAL B 21 -6.31 4.26 -17.15
C VAL B 21 -5.01 3.66 -17.64
N THR B 22 -4.88 3.44 -18.95
CA THR B 22 -3.59 3.05 -19.51
C THR B 22 -2.65 4.26 -19.51
N ARG B 23 -1.36 3.99 -19.28
CA ARG B 23 -0.31 4.99 -19.43
C ARG B 23 0.78 4.41 -20.32
N ASN B 24 1.36 5.27 -21.18
CA ASN B 24 2.40 4.90 -22.15
C ASN B 24 1.89 3.92 -23.21
N LEU B 25 0.59 3.93 -23.51
CA LEU B 25 0.02 3.03 -24.51
C LEU B 25 0.38 3.55 -25.91
N LYS B 26 1.30 2.85 -26.59
CA LYS B 26 1.88 3.32 -27.84
C LYS B 26 1.15 2.85 -29.10
N GLU B 27 0.18 1.94 -28.99
CA GLU B 27 -0.36 1.26 -30.15
C GLU B 27 -1.82 0.87 -29.89
N LEU B 28 -2.63 0.80 -30.95
CA LEU B 28 -4.04 0.43 -30.78
C LEU B 28 -4.58 -0.05 -32.12
N ASP B 29 -4.76 -1.36 -32.24
CA ASP B 29 -5.22 -1.99 -33.48
C ASP B 29 -6.68 -2.38 -33.33
N LEU B 30 -7.57 -1.69 -34.05
CA LEU B 30 -9.00 -2.01 -34.05
C LEU B 30 -9.46 -2.70 -35.33
N SER B 31 -8.54 -3.34 -36.08
CA SER B 31 -8.82 -3.70 -37.47
C SER B 31 -9.81 -4.85 -37.56
N GLY B 32 -10.80 -4.70 -38.44
CA GLY B 32 -11.78 -5.75 -38.67
C GLY B 32 -13.01 -5.67 -37.80
N ASN B 33 -13.13 -4.66 -36.96
CA ASN B 33 -14.33 -4.47 -36.15
C ASN B 33 -15.16 -3.40 -36.83
N SER B 34 -16.42 -3.71 -37.10
CA SER B 34 -17.28 -2.76 -37.79
C SER B 34 -17.68 -1.66 -36.84
N LEU B 35 -16.85 -0.63 -36.70
CA LEU B 35 -17.18 0.48 -35.81
C LEU B 35 -18.29 1.32 -36.41
N SER B 36 -19.15 1.84 -35.54
CA SER B 36 -20.20 2.76 -35.95
C SER B 36 -19.66 4.18 -35.98
N HIS B 37 -20.48 5.10 -36.47
CA HIS B 37 -20.11 6.50 -36.39
C HIS B 37 -19.99 6.94 -34.93
N SER B 38 -20.82 6.36 -34.05
CA SER B 38 -20.76 6.69 -32.62
C SER B 38 -19.43 6.27 -32.01
N ALA B 39 -18.95 5.07 -32.34
CA ALA B 39 -17.65 4.62 -31.87
C ALA B 39 -16.52 5.49 -32.42
N VAL B 40 -16.57 5.81 -33.73
CA VAL B 40 -15.51 6.63 -34.34
C VAL B 40 -15.41 7.97 -33.64
N LYS B 41 -16.56 8.59 -33.34
CA LYS B 41 -16.55 9.85 -32.61
C LYS B 41 -15.79 9.71 -31.30
N SER B 42 -16.12 8.68 -30.51
CA SER B 42 -15.41 8.49 -29.24
C SER B 42 -13.92 8.25 -29.46
N LEU B 43 -13.58 7.42 -30.44
CA LEU B 43 -12.18 7.28 -30.85
C LEU B 43 -11.53 8.65 -31.00
N CYS B 44 -12.23 9.59 -31.64
CA CYS B 44 -11.65 10.90 -31.93
C CYS B 44 -11.44 11.72 -30.66
N LYS B 45 -12.46 11.80 -29.81
CA LYS B 45 -12.35 12.54 -28.56
C LYS B 45 -11.17 12.02 -27.73
N THR B 46 -10.98 10.70 -27.70
CA THR B 46 -9.84 10.12 -26.99
C THR B 46 -8.51 10.58 -27.58
N LEU B 47 -8.49 10.92 -28.87
CA LEU B 47 -7.23 11.31 -29.52
C LEU B 47 -6.78 12.72 -29.14
N ARG B 48 -7.70 13.59 -28.72
CA ARG B 48 -7.37 14.93 -28.22
C ARG B 48 -6.99 14.93 -26.73
N ARG B 49 -7.23 13.84 -26.00
CA ARG B 49 -6.96 13.77 -24.57
C ARG B 49 -5.47 13.95 -24.33
N PRO B 50 -5.05 15.07 -23.71
CA PRO B 50 -3.64 15.48 -23.74
C PRO B 50 -2.59 14.40 -23.53
N ARG B 51 -2.89 13.34 -22.75
CA ARG B 51 -1.99 12.19 -22.63
C ARG B 51 -2.36 11.09 -23.64
N CYS B 52 -3.10 11.43 -24.71
CA CYS B 52 -3.27 10.46 -25.78
C CYS B 52 -1.90 10.20 -26.38
N LEU B 53 -1.20 9.18 -25.87
CA LEU B 53 0.17 8.92 -26.26
C LEU B 53 0.27 7.89 -27.38
N LEU B 54 -0.81 7.67 -28.13
CA LEU B 54 -0.82 6.62 -29.15
C LEU B 54 -0.08 7.09 -30.40
N GLU B 55 0.78 6.21 -30.92
CA GLU B 55 1.63 6.51 -32.06
C GLU B 55 1.27 5.74 -33.31
N THR B 56 0.43 4.69 -33.20
CA THR B 56 0.03 3.82 -34.31
C THR B 56 -1.45 3.51 -34.12
N LEU B 57 -2.32 4.05 -34.97
CA LEU B 57 -3.75 3.77 -34.96
C LEU B 57 -4.14 3.00 -36.22
N ARG B 58 -4.49 1.72 -36.08
CA ARG B 58 -4.91 0.89 -37.20
C ARG B 58 -6.41 0.70 -37.17
N LEU B 59 -7.08 1.17 -38.22
CA LEU B 59 -8.53 1.05 -38.36
C LEU B 59 -8.94 0.28 -39.62
N ALA B 60 -8.18 -0.74 -40.01
CA ALA B 60 -8.35 -1.35 -41.34
C ALA B 60 -9.56 -2.27 -41.35
N GLY B 61 -10.47 -2.04 -42.28
CA GLY B 61 -11.65 -2.87 -42.44
C GLY B 61 -12.61 -2.70 -41.28
N CYS B 62 -13.04 -1.44 -41.02
CA CYS B 62 -13.88 -1.13 -39.87
C CYS B 62 -15.18 -0.43 -40.28
N GLY B 63 -15.62 -0.62 -41.52
CA GLY B 63 -16.84 0.04 -42.01
C GLY B 63 -16.80 1.56 -42.01
N LEU B 64 -15.61 2.16 -42.12
CA LEU B 64 -15.53 3.62 -42.11
C LEU B 64 -15.97 4.22 -43.44
N THR B 65 -16.62 5.39 -43.34
CA THR B 65 -17.19 6.14 -44.46
C THR B 65 -16.52 7.51 -44.52
N ALA B 66 -16.80 8.27 -45.59
CA ALA B 66 -16.19 9.58 -45.75
C ALA B 66 -16.35 10.45 -44.49
N GLU B 67 -17.52 10.38 -43.86
CA GLU B 67 -17.75 11.21 -42.68
C GLU B 67 -17.06 10.69 -41.43
N ASP B 68 -16.49 9.48 -41.45
CA ASP B 68 -15.58 9.13 -40.37
C ASP B 68 -14.23 9.78 -40.58
N CYS B 69 -13.91 10.14 -41.83
CA CYS B 69 -12.67 10.84 -42.12
C CYS B 69 -12.74 12.30 -41.67
N LYS B 70 -13.89 12.97 -41.87
CA LYS B 70 -14.01 14.31 -41.28
C LYS B 70 -13.67 14.27 -39.81
N ASP B 71 -14.24 13.30 -39.09
CA ASP B 71 -14.06 13.27 -37.64
C ASP B 71 -12.67 12.81 -37.27
N LEU B 72 -12.16 11.78 -37.94
CA LEU B 72 -10.74 11.46 -37.82
C LEU B 72 -9.90 12.71 -37.98
N ALA B 73 -9.97 13.35 -39.15
CA ALA B 73 -9.22 14.57 -39.40
C ALA B 73 -9.39 15.58 -38.26
N PHE B 74 -10.65 15.91 -37.95
CA PHE B 74 -10.91 16.95 -36.95
C PHE B 74 -10.25 16.65 -35.62
N GLY B 75 -10.26 15.38 -35.19
CA GLY B 75 -9.70 15.02 -33.91
C GLY B 75 -8.19 15.07 -33.84
N LEU B 76 -7.50 14.95 -34.98
CA LEU B 76 -6.04 14.98 -34.95
C LEU B 76 -5.46 16.37 -35.12
N ARG B 77 -6.29 17.41 -35.16
CA ARG B 77 -5.77 18.75 -34.93
C ARG B 77 -5.06 18.84 -33.60
N ALA B 78 -5.75 18.45 -32.52
CA ALA B 78 -5.19 18.38 -31.17
C ALA B 78 -4.43 17.06 -31.01
N ASN B 79 -3.58 16.70 -31.97
CA ASN B 79 -2.72 15.52 -31.81
C ASN B 79 -1.39 15.83 -32.48
N GLN B 80 -0.32 15.28 -31.89
CA GLN B 80 1.00 15.36 -32.49
C GLN B 80 1.85 14.15 -32.13
N THR B 81 1.29 13.15 -31.44
CA THR B 81 2.00 11.92 -31.11
C THR B 81 1.82 10.84 -32.17
N LEU B 82 0.68 10.85 -32.87
CA LEU B 82 0.32 9.76 -33.76
C LEU B 82 1.12 9.85 -35.05
N THR B 83 1.90 8.82 -35.35
CA THR B 83 2.73 8.83 -36.53
C THR B 83 2.28 7.88 -37.63
N GLU B 84 1.65 6.76 -37.29
CA GLU B 84 1.14 5.81 -38.27
C GLU B 84 -0.37 5.68 -38.13
N LEU B 85 -1.06 5.81 -39.25
CA LEU B 85 -2.52 5.70 -39.29
C LEU B 85 -2.90 4.82 -40.47
N ASP B 86 -3.62 3.73 -40.21
CA ASP B 86 -3.95 2.74 -41.24
C ASP B 86 -5.46 2.74 -41.44
N LEU B 87 -5.91 3.23 -42.60
CA LEU B 87 -7.33 3.22 -42.92
C LEU B 87 -7.68 2.28 -44.08
N SER B 88 -6.82 1.29 -44.35
CA SER B 88 -7.03 0.41 -45.50
C SER B 88 -8.35 -0.36 -45.41
N PHE B 89 -8.89 -0.71 -46.58
CA PHE B 89 -10.06 -1.58 -46.67
C PHE B 89 -11.27 -0.97 -45.97
N ASN B 90 -11.46 0.35 -46.14
CA ASN B 90 -12.70 1.04 -45.80
C ASN B 90 -13.10 1.90 -46.99
N VAL B 91 -14.40 1.96 -47.29
CA VAL B 91 -14.89 2.75 -48.42
C VAL B 91 -14.78 4.23 -48.06
N LEU B 92 -13.55 4.75 -48.08
CA LEU B 92 -13.34 6.15 -47.68
C LEU B 92 -13.91 7.11 -48.71
N THR B 93 -13.81 6.76 -50.00
CA THR B 93 -14.20 7.58 -51.16
C THR B 93 -13.29 8.79 -51.31
N ASP B 94 -13.29 9.40 -52.49
CA ASP B 94 -12.49 10.61 -52.71
C ASP B 94 -12.85 11.69 -51.69
N ALA B 95 -14.15 11.84 -51.39
CA ALA B 95 -14.58 12.77 -50.34
C ALA B 95 -13.91 12.49 -49.01
N GLY B 96 -13.65 11.22 -48.70
CA GLY B 96 -12.92 10.89 -47.48
C GLY B 96 -11.48 11.36 -47.51
N ALA B 97 -10.72 10.92 -48.51
CA ALA B 97 -9.32 11.33 -48.66
C ALA B 97 -9.15 12.85 -48.62
N LYS B 98 -10.04 13.59 -49.30
CA LYS B 98 -9.97 15.05 -49.25
C LYS B 98 -10.01 15.57 -47.81
N HIS B 99 -10.87 14.97 -46.98
CA HIS B 99 -10.97 15.36 -45.58
C HIS B 99 -9.63 15.20 -44.85
N LEU B 100 -9.00 14.03 -44.98
CA LEU B 100 -7.71 13.84 -44.32
C LEU B 100 -6.66 14.79 -44.86
N CYS B 101 -6.75 15.13 -46.15
CA CYS B 101 -5.69 15.89 -46.79
C CYS B 101 -5.60 17.30 -46.22
N GLN B 102 -6.76 17.90 -45.93
CA GLN B 102 -6.77 19.22 -45.30
C GLN B 102 -5.96 19.23 -44.01
N ARG B 103 -5.86 18.09 -43.32
CA ARG B 103 -5.14 18.03 -42.06
C ARG B 103 -3.65 17.75 -42.25
N LEU B 104 -3.33 16.79 -43.13
CA LEU B 104 -1.95 16.32 -43.21
C LEU B 104 -1.03 17.34 -43.88
N ARG B 105 -1.59 18.24 -44.69
CA ARG B 105 -0.80 19.33 -45.25
C ARG B 105 -0.36 20.34 -44.19
N GLN B 106 -1.05 20.41 -43.04
CA GLN B 106 -0.79 21.42 -42.04
C GLN B 106 0.63 21.30 -41.51
N PRO B 107 1.24 22.43 -41.11
CA PRO B 107 2.63 22.36 -40.60
C PRO B 107 2.75 21.62 -39.28
N SER B 108 1.66 21.51 -38.52
CA SER B 108 1.65 20.84 -37.22
C SER B 108 1.41 19.34 -37.31
N CYS B 109 0.93 18.83 -38.45
CA CYS B 109 0.69 17.40 -38.58
C CYS B 109 2.01 16.64 -38.67
N LYS B 110 2.18 15.66 -37.78
CA LYS B 110 3.45 14.94 -37.71
C LYS B 110 3.32 13.48 -38.14
N LEU B 111 2.19 13.12 -38.76
CA LEU B 111 1.95 11.76 -39.20
C LEU B 111 2.98 11.31 -40.24
N GLN B 112 3.61 10.18 -40.00
CA GLN B 112 4.70 9.75 -40.86
C GLN B 112 4.30 8.68 -41.88
N ARG B 113 3.27 7.89 -41.59
CA ARG B 113 2.87 6.78 -42.46
C ARG B 113 1.35 6.71 -42.51
N LEU B 114 0.81 6.81 -43.71
CA LEU B 114 -0.62 6.66 -43.98
C LEU B 114 -0.79 5.50 -44.97
N GLN B 115 -1.84 4.72 -44.78
CA GLN B 115 -2.16 3.61 -45.68
C GLN B 115 -3.62 3.73 -46.09
N LEU B 116 -3.85 3.91 -47.39
CA LEU B 116 -5.21 3.99 -47.91
C LEU B 116 -5.46 2.85 -48.90
N VAL B 117 -4.95 1.66 -48.58
CA VAL B 117 -5.06 0.53 -49.48
C VAL B 117 -6.52 0.11 -49.61
N SER B 118 -7.01 0.08 -50.84
CA SER B 118 -8.38 -0.34 -51.19
C SER B 118 -9.43 0.48 -50.43
N CYS B 119 -9.38 1.80 -50.61
CA CYS B 119 -10.34 2.71 -49.98
C CYS B 119 -11.32 3.35 -50.97
N GLY B 120 -11.48 2.76 -52.16
CA GLY B 120 -12.37 3.33 -53.15
C GLY B 120 -11.95 4.68 -53.66
N LEU B 121 -10.65 4.89 -53.87
CA LEU B 121 -10.11 6.16 -54.34
C LEU B 121 -9.98 6.16 -55.85
N THR B 122 -10.32 7.29 -56.47
CA THR B 122 -10.10 7.50 -57.88
C THR B 122 -9.14 8.68 -58.08
N SER B 123 -9.06 9.16 -59.31
CA SER B 123 -8.14 10.23 -59.64
C SER B 123 -8.61 11.60 -59.16
N ASP B 124 -9.88 11.73 -58.76
CA ASP B 124 -10.34 13.02 -58.25
C ASP B 124 -9.72 13.41 -56.92
N CYS B 125 -9.17 12.44 -56.18
CA CYS B 125 -8.48 12.80 -54.94
C CYS B 125 -6.99 13.06 -55.15
N CYS B 126 -6.48 12.79 -56.35
CA CYS B 126 -5.04 12.89 -56.56
C CYS B 126 -4.54 14.34 -56.49
N GLN B 127 -5.40 15.31 -56.77
CA GLN B 127 -5.01 16.70 -56.58
C GLN B 127 -4.73 17.02 -55.10
N ASP B 128 -5.54 16.47 -54.18
CA ASP B 128 -5.29 16.76 -52.77
C ASP B 128 -4.23 15.84 -52.16
N LEU B 129 -4.08 14.62 -52.68
CA LEU B 129 -2.93 13.82 -52.28
C LEU B 129 -1.64 14.52 -52.67
N ALA B 130 -1.58 15.05 -53.90
CA ALA B 130 -0.41 15.84 -54.29
C ALA B 130 -0.24 17.04 -53.38
N SER B 131 -1.34 17.67 -52.97
CA SER B 131 -1.24 18.82 -52.06
C SER B 131 -0.64 18.41 -50.72
N VAL B 132 -0.79 17.14 -50.32
CA VAL B 132 -0.12 16.70 -49.10
C VAL B 132 1.33 16.37 -49.39
N LEU B 133 1.59 15.67 -50.50
CA LEU B 133 2.97 15.38 -50.88
C LEU B 133 3.80 16.66 -50.93
N SER B 134 3.27 17.70 -51.55
CA SER B 134 4.07 18.92 -51.71
C SER B 134 4.23 19.67 -50.38
N ALA B 135 3.16 19.77 -49.57
CA ALA B 135 3.15 20.62 -48.38
C ALA B 135 3.23 19.88 -47.05
N SER B 136 3.46 18.50 -47.07
CA SER B 136 3.44 17.98 -45.70
C SER B 136 4.83 18.05 -45.08
N PRO B 137 4.94 18.35 -43.79
CA PRO B 137 6.27 18.44 -43.17
C PRO B 137 6.82 17.11 -42.65
N SER B 138 6.08 15.98 -42.75
CA SER B 138 6.48 14.76 -42.05
C SER B 138 6.21 13.47 -42.81
N LEU B 139 5.20 13.42 -43.69
CA LEU B 139 4.79 12.19 -44.34
C LEU B 139 5.95 11.51 -45.07
N LYS B 140 6.20 10.24 -44.73
CA LYS B 140 7.31 9.50 -45.34
C LYS B 140 6.89 8.22 -46.06
N GLU B 141 5.69 7.69 -45.83
CA GLU B 141 5.19 6.50 -46.52
C GLU B 141 3.73 6.73 -46.82
N LEU B 142 3.31 6.46 -48.05
CA LEU B 142 1.90 6.64 -48.42
C LEU B 142 1.53 5.50 -49.36
N ASP B 143 0.59 4.66 -48.94
CA ASP B 143 0.25 3.41 -49.65
C ASP B 143 -1.12 3.59 -50.30
N LEU B 144 -1.15 3.57 -51.63
CA LEU B 144 -2.37 3.76 -52.40
C LEU B 144 -2.75 2.52 -53.21
N GLN B 145 -2.06 1.39 -52.99
CA GLN B 145 -2.34 0.16 -53.71
C GLN B 145 -3.82 -0.22 -53.64
N GLN B 146 -4.25 -0.98 -54.64
CA GLN B 146 -5.64 -1.45 -54.78
C GLN B 146 -6.61 -0.28 -54.83
N ASN B 147 -6.18 0.81 -55.45
CA ASN B 147 -7.06 1.92 -55.80
C ASN B 147 -6.95 2.18 -57.30
N ASN B 148 -8.08 2.44 -57.93
CA ASN B 148 -8.11 2.69 -59.37
C ASN B 148 -7.76 4.15 -59.67
N LEU B 149 -6.51 4.50 -59.39
CA LEU B 149 -5.94 5.74 -59.91
C LEU B 149 -5.45 5.46 -61.32
N ASP B 150 -5.83 6.32 -62.27
CA ASP B 150 -5.36 6.11 -63.63
C ASP B 150 -4.25 7.12 -63.94
N ASP B 151 -4.01 7.38 -65.23
CA ASP B 151 -2.88 8.22 -65.64
C ASP B 151 -3.08 9.67 -65.22
N VAL B 152 -4.28 10.22 -65.45
CA VAL B 152 -4.49 11.62 -65.12
C VAL B 152 -4.23 11.87 -63.64
N GLY B 153 -4.55 10.89 -62.79
CA GLY B 153 -4.37 11.01 -61.36
C GLY B 153 -2.94 10.82 -60.90
N VAL B 154 -2.28 9.78 -61.44
CA VAL B 154 -0.90 9.51 -61.05
C VAL B 154 0.02 10.67 -61.46
N ARG B 155 -0.24 11.30 -62.61
CA ARG B 155 0.58 12.43 -63.03
C ARG B 155 0.52 13.58 -62.03
N LEU B 156 -0.66 13.84 -61.45
CA LEU B 156 -0.76 14.81 -60.36
C LEU B 156 0.10 14.39 -59.17
N LEU B 157 0.00 13.13 -58.72
CA LEU B 157 0.88 12.67 -57.65
C LEU B 157 2.36 12.88 -57.99
N CYS B 158 2.73 12.62 -59.26
CA CYS B 158 4.15 12.69 -59.63
C CYS B 158 4.68 14.11 -59.50
N GLU B 159 3.86 15.10 -59.85
CA GLU B 159 4.29 16.48 -59.68
C GLU B 159 4.33 16.90 -58.21
N GLY B 160 3.45 16.37 -57.36
CA GLY B 160 3.63 16.53 -55.93
C GLY B 160 4.91 15.89 -55.43
N LEU B 161 5.28 14.73 -55.99
CA LEU B 161 6.51 14.04 -55.60
C LEU B 161 7.74 14.80 -56.05
N ARG B 162 7.63 15.62 -57.11
CA ARG B 162 8.76 16.36 -57.66
C ARG B 162 9.00 17.68 -56.95
N HIS B 163 8.08 18.08 -56.07
CA HIS B 163 8.24 19.30 -55.29
C HIS B 163 9.43 19.17 -54.35
N PRO B 164 10.28 20.20 -54.24
CA PRO B 164 11.53 20.05 -53.45
C PRO B 164 11.31 19.82 -51.96
N ALA B 165 10.17 20.25 -51.42
CA ALA B 165 9.88 19.99 -50.02
C ALA B 165 9.39 18.56 -49.75
N CYS B 166 8.95 17.81 -50.78
CA CYS B 166 8.36 16.50 -50.56
C CYS B 166 9.33 15.55 -49.88
N LYS B 167 8.91 14.96 -48.76
CA LYS B 167 9.76 14.04 -48.01
C LYS B 167 9.38 12.57 -48.16
N LEU B 168 8.37 12.26 -48.99
CA LEU B 168 8.01 10.87 -49.24
C LEU B 168 9.23 10.07 -49.69
N ILE B 169 9.34 8.83 -49.18
CA ILE B 169 10.41 7.91 -49.54
C ILE B 169 9.91 6.52 -49.88
N ARG B 170 8.59 6.29 -49.82
CA ARG B 170 7.97 5.00 -50.10
C ARG B 170 6.56 5.27 -50.58
N LEU B 171 6.27 4.88 -51.82
CA LEU B 171 4.96 5.08 -52.44
C LEU B 171 4.38 3.73 -52.84
N GLY B 172 3.19 3.42 -52.31
CA GLY B 172 2.47 2.22 -52.70
C GLY B 172 1.50 2.49 -53.82
N LEU B 173 1.78 1.93 -55.00
CA LEU B 173 1.02 2.27 -56.19
C LEU B 173 0.88 1.05 -57.08
N ASP B 174 -0.35 0.72 -57.43
CA ASP B 174 -0.62 -0.29 -58.45
C ASP B 174 -0.32 0.27 -59.84
N GLN B 175 0.52 -0.45 -60.60
CA GLN B 175 0.91 0.01 -61.92
C GLN B 175 0.27 -0.82 -63.04
N THR B 176 -0.78 -1.59 -62.75
CA THR B 176 -1.27 -2.56 -63.73
C THR B 176 -2.25 -1.94 -64.73
N THR B 177 -3.08 -1.00 -64.32
CA THR B 177 -3.99 -0.38 -65.27
C THR B 177 -3.43 0.92 -65.87
N LEU B 178 -2.20 1.29 -65.56
CA LEU B 178 -1.60 2.51 -66.08
C LEU B 178 -0.98 2.25 -67.45
N SER B 179 -0.97 3.28 -68.29
CA SER B 179 -0.39 3.18 -69.63
C SER B 179 1.10 2.85 -69.56
N ASP B 180 1.62 2.33 -70.68
CA ASP B 180 3.06 2.03 -70.76
C ASP B 180 3.90 3.29 -70.68
N GLU B 181 3.33 4.43 -71.01
CA GLU B 181 4.02 5.72 -70.95
C GLU B 181 4.10 6.23 -69.52
N MET B 182 2.98 6.12 -68.77
CA MET B 182 3.02 6.41 -67.34
C MET B 182 4.04 5.55 -66.62
N ARG B 183 4.06 4.26 -66.93
CA ARG B 183 5.03 3.39 -66.28
C ARG B 183 6.44 3.83 -66.59
N GLN B 184 6.64 4.47 -67.74
CA GLN B 184 7.98 4.97 -68.06
C GLN B 184 8.33 6.17 -67.20
N GLU B 185 7.41 7.14 -67.05
CA GLU B 185 7.76 8.30 -66.23
C GLU B 185 7.93 7.96 -64.75
N LEU B 186 7.19 6.96 -64.23
CA LEU B 186 7.43 6.55 -62.85
C LEU B 186 8.86 6.03 -62.69
N ARG B 187 9.30 5.14 -63.60
CA ARG B 187 10.69 4.70 -63.58
C ARG B 187 11.64 5.84 -63.80
N ALA B 188 11.20 6.87 -64.51
CA ALA B 188 12.01 8.09 -64.64
C ALA B 188 12.09 8.83 -63.32
N LEU B 189 10.94 9.10 -62.70
CA LEU B 189 10.89 9.68 -61.35
C LEU B 189 11.82 8.95 -60.36
N GLU B 190 11.98 7.64 -60.53
CA GLU B 190 12.71 6.86 -59.54
C GLU B 190 14.22 7.04 -59.67
N GLN B 191 14.74 7.07 -60.90
CA GLN B 191 16.14 7.44 -61.06
C GLN B 191 16.39 8.91 -60.66
N GLU B 192 15.36 9.77 -60.71
CA GLU B 192 15.54 11.17 -60.37
C GLU B 192 15.48 11.41 -58.86
N LYS B 193 14.78 10.56 -58.11
CA LYS B 193 14.87 10.51 -56.65
C LYS B 193 15.32 9.11 -56.23
N PRO B 194 16.63 8.86 -56.16
CA PRO B 194 17.12 7.54 -55.73
C PRO B 194 16.68 7.14 -54.31
N GLN B 195 16.12 8.07 -53.54
CA GLN B 195 15.62 7.83 -52.19
C GLN B 195 14.15 7.43 -52.15
N LEU B 196 13.40 7.59 -53.25
CA LEU B 196 12.03 7.17 -53.34
C LEU B 196 11.93 5.77 -53.93
N LEU B 197 11.03 4.97 -53.38
CA LEU B 197 10.79 3.61 -53.85
C LEU B 197 9.30 3.47 -54.12
N ILE B 198 8.94 3.19 -55.37
CA ILE B 198 7.55 2.90 -55.73
C ILE B 198 7.37 1.38 -55.73
N PHE B 199 6.47 0.90 -54.87
CA PHE B 199 6.32 -0.53 -54.69
C PHE B 199 4.86 -0.93 -54.89
N SER B 200 4.66 -2.16 -55.33
CA SER B 200 3.38 -2.85 -55.23
C SER B 200 3.67 -4.34 -55.04
N ARG B 201 2.63 -5.09 -54.67
CA ARG B 201 2.75 -6.55 -54.62
C ARG B 201 3.29 -7.09 -55.93
N ARG B 202 2.78 -6.56 -57.04
CA ARG B 202 3.14 -6.97 -58.39
C ARG B 202 4.64 -6.99 -58.62
N SER C 2 -23.21 -1.90 25.30
CA SER C 2 -22.14 -0.95 25.61
C SER C 2 -22.71 0.37 26.11
N VAL C 3 -22.18 1.48 25.59
CA VAL C 3 -22.68 2.82 25.87
C VAL C 3 -24.13 2.90 25.40
N ASP C 4 -24.32 2.90 24.08
CA ASP C 4 -25.61 2.63 23.47
C ASP C 4 -25.40 1.75 22.24
N VAL C 5 -24.23 1.16 22.12
CA VAL C 5 -23.89 0.32 20.97
C VAL C 5 -24.55 -1.04 21.16
N PRO C 6 -25.30 -1.54 20.18
CA PRO C 6 -25.93 -2.85 20.32
C PRO C 6 -24.90 -3.98 20.36
N VAL C 7 -25.33 -5.12 20.95
CA VAL C 7 -24.47 -6.32 20.96
C VAL C 7 -24.38 -6.93 19.57
N THR C 8 -25.35 -6.62 18.71
CA THR C 8 -25.22 -6.62 17.25
C THR C 8 -23.86 -6.15 16.71
N ASP C 9 -23.19 -5.25 17.43
CA ASP C 9 -21.90 -4.71 17.03
C ASP C 9 -20.79 -5.43 17.79
N ALA C 10 -20.53 -6.68 17.39
CA ALA C 10 -19.66 -7.55 18.16
C ALA C 10 -18.30 -6.93 18.44
N TYR C 11 -17.70 -6.29 17.42
CA TYR C 11 -16.32 -5.82 17.55
C TYR C 11 -16.19 -4.72 18.58
N TRP C 12 -17.18 -3.84 18.69
CA TRP C 12 -17.06 -2.76 19.66
C TRP C 12 -17.19 -3.28 21.09
N GLN C 13 -18.05 -4.28 21.31
CA GLN C 13 -18.19 -4.87 22.65
C GLN C 13 -16.89 -5.54 23.08
N ILE C 14 -16.35 -6.42 22.23
CA ILE C 14 -15.11 -7.09 22.56
C ILE C 14 -14.00 -6.08 22.80
N LEU C 15 -14.01 -4.96 22.06
CA LEU C 15 -12.95 -3.98 22.23
C LEU C 15 -13.04 -3.33 23.61
N PHE C 16 -14.23 -2.82 23.97
CA PHE C 16 -14.42 -2.25 25.32
C PHE C 16 -14.09 -3.27 26.40
N SER C 17 -14.33 -4.55 26.13
CA SER C 17 -13.95 -5.59 27.07
C SER C 17 -12.45 -5.55 27.35
N VAL C 18 -11.62 -5.28 26.34
CA VAL C 18 -10.19 -5.16 26.62
C VAL C 18 -9.78 -3.74 27.02
N LEU C 19 -10.51 -2.69 26.62
CA LEU C 19 -10.03 -1.33 26.87
C LEU C 19 -10.12 -0.93 28.34
N LYS C 20 -10.83 -1.69 29.16
CA LYS C 20 -10.91 -1.37 30.57
C LYS C 20 -9.97 -2.22 31.41
N VAL C 21 -9.59 -3.41 30.91
CA VAL C 21 -8.53 -4.23 31.49
C VAL C 21 -7.16 -3.57 31.26
N THR C 22 -7.11 -2.49 30.46
CA THR C 22 -5.92 -1.65 30.33
C THR C 22 -6.12 -0.33 31.08
N ARG C 23 -5.19 -0.01 31.97
CA ARG C 23 -5.03 1.35 32.47
C ARG C 23 -3.74 1.91 31.90
N ASN C 24 -3.64 3.24 31.90
CA ASN C 24 -2.61 3.96 31.15
C ASN C 24 -2.83 3.78 29.64
N LEU C 25 -4.09 3.79 29.22
CA LEU C 25 -4.42 3.85 27.80
C LEU C 25 -4.02 5.21 27.27
N LYS C 26 -2.88 5.26 26.58
CA LYS C 26 -2.40 6.52 26.01
C LYS C 26 -2.50 6.58 24.50
N GLU C 27 -2.56 5.43 23.81
CA GLU C 27 -2.74 5.41 22.37
C GLU C 27 -3.75 4.35 21.99
N LEU C 28 -4.54 4.67 20.98
CA LEU C 28 -5.63 3.81 20.49
C LEU C 28 -5.66 4.00 18.97
N ASP C 29 -5.16 3.01 18.26
CA ASP C 29 -5.15 3.01 16.80
C ASP C 29 -6.25 2.05 16.36
N LEU C 30 -7.39 2.59 15.93
CA LEU C 30 -8.50 1.77 15.44
C LEU C 30 -8.58 1.75 13.92
N SER C 31 -7.54 2.22 13.23
CA SER C 31 -7.63 2.41 11.78
C SER C 31 -7.98 1.11 11.07
N GLY C 32 -8.88 1.22 10.08
CA GLY C 32 -9.28 0.11 9.26
C GLY C 32 -10.55 -0.57 9.71
N ASN C 33 -10.98 -0.33 10.95
CA ASN C 33 -12.21 -0.92 11.44
C ASN C 33 -13.37 0.01 11.14
N SER C 34 -14.45 -0.55 10.65
CA SER C 34 -15.66 0.22 10.43
C SER C 34 -16.27 0.58 11.78
N LEU C 35 -16.37 1.87 12.08
CA LEU C 35 -16.99 2.34 13.31
C LEU C 35 -18.37 2.91 12.98
N SER C 36 -19.40 2.34 13.58
CA SER C 36 -20.74 2.90 13.48
C SER C 36 -20.82 4.24 14.21
N HIS C 37 -21.92 4.96 14.00
CA HIS C 37 -22.18 6.17 14.78
C HIS C 37 -22.24 5.85 16.28
N SER C 38 -22.91 4.75 16.65
CA SER C 38 -22.93 4.37 18.06
C SER C 38 -21.52 4.24 18.59
N ALA C 39 -20.67 3.52 17.86
CA ALA C 39 -19.29 3.35 18.30
C ALA C 39 -18.60 4.71 18.48
N VAL C 40 -18.74 5.61 17.50
CA VAL C 40 -18.15 6.95 17.64
C VAL C 40 -18.64 7.62 18.93
N LYS C 41 -19.93 7.53 19.21
CA LYS C 41 -20.45 8.18 20.41
C LYS C 41 -19.88 7.54 21.67
N SER C 42 -19.76 6.21 21.67
CA SER C 42 -19.18 5.53 22.83
C SER C 42 -17.73 5.93 23.02
N LEU C 43 -16.97 6.01 21.92
CA LEU C 43 -15.61 6.51 22.00
C LEU C 43 -15.59 7.94 22.55
N CYS C 44 -16.62 8.75 22.23
CA CYS C 44 -16.67 10.14 22.69
C CYS C 44 -16.91 10.22 24.19
N LYS C 45 -17.75 9.35 24.76
CA LYS C 45 -17.96 9.40 26.20
C LYS C 45 -16.68 8.98 26.93
N THR C 46 -15.94 8.01 26.38
CA THR C 46 -14.61 7.67 26.89
C THR C 46 -13.66 8.86 26.82
N LEU C 47 -13.72 9.63 25.73
CA LEU C 47 -12.84 10.77 25.59
C LEU C 47 -13.10 11.82 26.66
N ARG C 48 -14.34 12.01 27.06
CA ARG C 48 -14.64 13.11 27.96
C ARG C 48 -14.39 12.77 29.42
N ARG C 49 -14.47 11.48 29.80
CA ARG C 49 -14.16 11.01 31.14
C ARG C 49 -12.96 11.76 31.71
N PRO C 50 -13.00 12.14 32.99
CA PRO C 50 -11.89 12.92 33.56
C PRO C 50 -10.62 12.09 33.70
N ARG C 51 -10.73 10.77 33.82
CA ARG C 51 -9.59 9.88 33.97
C ARG C 51 -8.91 9.54 32.64
N CYS C 52 -9.36 10.13 31.54
CA CYS C 52 -8.87 9.73 30.23
C CYS C 52 -7.45 10.23 30.01
N LEU C 53 -6.55 9.32 29.64
CA LEU C 53 -5.15 9.68 29.39
C LEU C 53 -4.76 9.52 27.93
N LEU C 54 -5.72 9.47 27.01
CA LEU C 54 -5.41 9.30 25.59
C LEU C 54 -4.61 10.49 25.05
N GLU C 55 -3.41 10.21 24.56
CA GLU C 55 -2.60 11.20 23.85
C GLU C 55 -2.66 11.06 22.33
N THR C 56 -2.98 9.87 21.84
CA THR C 56 -2.89 9.53 20.42
C THR C 56 -4.15 8.74 20.05
N LEU C 57 -4.98 9.32 19.18
CA LEU C 57 -6.17 8.63 18.67
C LEU C 57 -6.10 8.57 17.14
N ARG C 58 -6.14 7.35 16.58
CA ARG C 58 -6.01 7.14 15.14
C ARG C 58 -7.22 6.39 14.63
N LEU C 59 -7.95 7.03 13.73
CA LEU C 59 -9.19 6.49 13.20
C LEU C 59 -9.18 6.57 11.69
N ALA C 60 -8.02 6.29 11.07
CA ALA C 60 -7.90 6.36 9.61
C ALA C 60 -8.75 5.30 8.96
N GLY C 61 -9.44 5.69 7.89
CA GLY C 61 -10.28 4.76 7.16
C GLY C 61 -11.28 4.00 8.00
N CYS C 62 -12.11 4.70 8.79
CA CYS C 62 -13.03 4.01 9.68
C CYS C 62 -14.49 4.20 9.29
N GLY C 63 -14.78 4.75 8.11
CA GLY C 63 -16.15 5.06 7.78
C GLY C 63 -16.72 6.27 8.48
N LEU C 64 -15.89 7.19 8.96
CA LEU C 64 -16.39 8.34 9.70
C LEU C 64 -17.03 9.35 8.75
N THR C 65 -18.13 9.96 9.18
CA THR C 65 -18.83 10.94 8.35
C THR C 65 -18.80 12.32 9.00
N ALA C 66 -19.49 13.27 8.38
CA ALA C 66 -19.56 14.63 8.90
C ALA C 66 -20.11 14.66 10.33
N GLU C 67 -21.20 13.94 10.58
CA GLU C 67 -21.82 13.93 11.90
C GLU C 67 -20.89 13.38 12.98
N ASP C 68 -20.02 12.42 12.64
CA ASP C 68 -19.08 11.91 13.63
C ASP C 68 -18.07 12.98 14.03
N CYS C 69 -17.71 13.89 13.10
CA CYS C 69 -16.85 15.01 13.46
C CYS C 69 -17.50 15.88 14.51
N LYS C 70 -18.83 16.05 14.43
CA LYS C 70 -19.56 16.78 15.45
C LYS C 70 -19.39 16.13 16.82
N ASP C 71 -19.66 14.82 16.91
CA ASP C 71 -19.55 14.14 18.18
C ASP C 71 -18.13 14.17 18.72
N LEU C 72 -17.13 14.06 17.85
CA LEU C 72 -15.74 14.11 18.32
C LEU C 72 -15.34 15.53 18.71
N ALA C 73 -15.77 16.53 17.95
CA ALA C 73 -15.50 17.91 18.35
C ALA C 73 -16.07 18.19 19.73
N PHE C 74 -17.22 17.59 20.05
CA PHE C 74 -17.79 17.77 21.38
C PHE C 74 -16.97 17.02 22.43
N GLY C 75 -16.70 15.73 22.20
CA GLY C 75 -15.96 14.91 23.13
C GLY C 75 -14.61 15.49 23.54
N LEU C 76 -14.06 16.37 22.70
CA LEU C 76 -12.81 17.04 23.01
C LEU C 76 -12.98 18.31 23.83
N ARG C 77 -14.20 18.74 24.15
CA ARG C 77 -14.35 20.01 24.85
C ARG C 77 -13.73 19.92 26.25
N ALA C 78 -13.95 18.80 26.93
CA ALA C 78 -13.32 18.56 28.23
C ALA C 78 -12.28 17.47 28.06
N ASN C 79 -11.26 17.78 27.25
CA ASN C 79 -10.12 16.90 27.11
C ASN C 79 -8.91 17.77 26.83
N GLN C 80 -7.82 17.51 27.56
CA GLN C 80 -6.55 18.18 27.35
C GLN C 80 -5.37 17.22 27.34
N THR C 81 -5.60 15.89 27.32
CA THR C 81 -4.49 14.97 27.08
C THR C 81 -4.21 14.73 25.59
N LEU C 82 -5.24 14.70 24.74
CA LEU C 82 -5.06 14.32 23.34
C LEU C 82 -4.24 15.34 22.57
N THR C 83 -3.11 14.90 22.00
CA THR C 83 -2.27 15.75 21.18
C THR C 83 -2.11 15.29 19.74
N GLU C 84 -2.59 14.11 19.38
CA GLU C 84 -2.46 13.65 18.00
C GLU C 84 -3.78 13.04 17.56
N LEU C 85 -4.32 13.51 16.45
CA LEU C 85 -5.59 13.00 15.94
C LEU C 85 -5.47 12.71 14.45
N ASP C 86 -5.79 11.48 14.06
CA ASP C 86 -5.71 11.06 12.66
C ASP C 86 -7.10 10.64 12.23
N LEU C 87 -7.65 11.35 11.24
CA LEU C 87 -8.98 11.10 10.71
C LEU C 87 -8.94 10.90 9.19
N SER C 88 -7.78 10.57 8.66
CA SER C 88 -7.60 10.45 7.22
C SER C 88 -8.42 9.31 6.64
N PHE C 89 -8.68 9.42 5.33
CA PHE C 89 -9.39 8.37 4.60
C PHE C 89 -10.77 8.11 5.21
N ASN C 90 -11.43 9.19 5.64
CA ASN C 90 -12.85 9.17 5.93
C ASN C 90 -13.53 10.25 5.09
N VAL C 91 -14.82 10.08 4.83
CA VAL C 91 -15.52 11.05 3.99
C VAL C 91 -16.08 12.13 4.90
N LEU C 92 -15.19 13.01 5.38
CA LEU C 92 -15.57 14.03 6.33
C LEU C 92 -16.32 15.17 5.64
N THR C 93 -15.89 15.55 4.44
CA THR C 93 -16.43 16.69 3.69
C THR C 93 -16.12 18.01 4.41
N ASP C 94 -16.28 19.12 3.69
CA ASP C 94 -16.06 20.43 4.31
C ASP C 94 -16.91 20.61 5.58
N ALA C 95 -18.16 20.16 5.58
CA ALA C 95 -18.99 20.27 6.77
C ALA C 95 -18.39 19.55 7.98
N GLY C 96 -17.61 18.49 7.74
CA GLY C 96 -17.08 17.77 8.87
C GLY C 96 -15.88 18.51 9.41
N ALA C 97 -15.08 19.07 8.50
CA ALA C 97 -13.95 19.89 8.90
C ALA C 97 -14.40 21.06 9.78
N LYS C 98 -15.55 21.67 9.46
CA LYS C 98 -15.98 22.86 10.18
C LYS C 98 -16.34 22.54 11.62
N HIS C 99 -17.03 21.42 11.84
CA HIS C 99 -17.28 20.99 13.21
C HIS C 99 -15.99 20.80 13.99
N LEU C 100 -14.96 20.24 13.35
CA LEU C 100 -13.67 20.08 14.01
C LEU C 100 -13.03 21.43 14.28
N CYS C 101 -13.04 22.33 13.29
CA CYS C 101 -12.49 23.66 13.47
C CYS C 101 -13.15 24.43 14.61
N GLN C 102 -14.43 24.18 14.89
CA GLN C 102 -15.09 24.92 15.97
C GLN C 102 -14.39 24.67 17.30
N ARG C 103 -13.95 23.42 17.53
CA ARG C 103 -13.28 23.06 18.78
C ARG C 103 -11.80 23.42 18.77
N LEU C 104 -11.15 23.40 17.59
CA LEU C 104 -9.70 23.48 17.55
C LEU C 104 -9.18 24.90 17.74
N ARG C 105 -9.97 25.89 17.33
CA ARG C 105 -9.53 27.27 17.54
C ARG C 105 -9.80 27.76 18.95
N GLN C 106 -10.42 26.94 19.80
CA GLN C 106 -10.66 27.31 21.19
C GLN C 106 -9.36 27.25 21.99
N PRO C 107 -9.22 28.10 23.02
CA PRO C 107 -7.93 28.16 23.73
C PRO C 107 -7.57 26.88 24.45
N SER C 108 -8.54 26.18 25.00
CA SER C 108 -8.27 24.97 25.78
C SER C 108 -7.86 23.78 24.94
N CYS C 109 -7.73 23.93 23.62
CA CYS C 109 -7.45 22.77 22.78
C CYS C 109 -5.96 22.51 22.74
N LYS C 110 -5.58 21.28 23.09
CA LYS C 110 -4.19 20.87 23.28
C LYS C 110 -3.63 20.10 22.09
N LEU C 111 -4.34 20.05 20.97
CA LEU C 111 -3.94 19.22 19.84
C LEU C 111 -2.72 19.79 19.12
N GLN C 112 -1.72 18.93 18.87
CA GLN C 112 -0.49 19.34 18.22
C GLN C 112 -0.34 18.83 16.80
N ARG C 113 -1.07 17.77 16.43
CA ARG C 113 -0.91 17.12 15.14
CA ARG C 113 -0.91 17.12 15.14
C ARG C 113 -2.27 16.60 14.70
N LEU C 114 -2.67 16.98 13.48
CA LEU C 114 -3.96 16.61 12.92
C LEU C 114 -3.75 16.19 11.48
N GLN C 115 -4.25 15.00 11.14
CA GLN C 115 -4.14 14.48 9.79
C GLN C 115 -5.53 14.36 9.20
N LEU C 116 -5.74 15.05 8.09
CA LEU C 116 -7.02 15.04 7.37
C LEU C 116 -6.79 14.62 5.93
N VAL C 117 -5.89 13.65 5.74
CA VAL C 117 -5.48 13.23 4.41
C VAL C 117 -6.64 12.52 3.74
N SER C 118 -6.95 12.91 2.51
CA SER C 118 -8.04 12.31 1.73
C SER C 118 -9.35 12.24 2.52
N CYS C 119 -9.82 13.41 2.93
CA CYS C 119 -11.05 13.52 3.69
C CYS C 119 -12.20 14.13 2.90
N GLY C 120 -12.04 14.29 1.59
CA GLY C 120 -13.08 14.87 0.76
C GLY C 120 -13.22 16.37 0.98
N LEU C 121 -12.12 17.07 1.15
CA LEU C 121 -12.13 18.48 1.52
C LEU C 121 -11.89 19.36 0.31
N THR C 122 -12.61 20.48 0.27
CA THR C 122 -12.58 21.45 -0.82
C THR C 122 -12.15 22.81 -0.27
N SER C 123 -12.12 23.81 -1.16
CA SER C 123 -11.72 25.15 -0.73
C SER C 123 -12.71 25.76 0.24
N ASP C 124 -13.92 25.24 0.34
CA ASP C 124 -14.90 25.87 1.21
C ASP C 124 -14.63 25.62 2.70
N CYS C 125 -13.63 24.79 3.05
CA CYS C 125 -13.27 24.63 4.46
C CYS C 125 -12.00 25.38 4.82
N CYS C 126 -11.35 26.02 3.85
CA CYS C 126 -10.07 26.67 4.10
C CYS C 126 -10.18 27.95 4.92
N GLN C 127 -11.35 28.59 4.97
CA GLN C 127 -11.52 29.72 5.88
C GLN C 127 -11.56 29.25 7.32
N ASP C 128 -12.36 28.22 7.61
CA ASP C 128 -12.36 27.64 8.96
C ASP C 128 -11.00 27.06 9.34
N LEU C 129 -10.26 26.51 8.36
CA LEU C 129 -8.93 26.00 8.66
C LEU C 129 -7.96 27.14 8.91
N ALA C 130 -8.04 28.18 8.08
CA ALA C 130 -7.25 29.38 8.31
C ALA C 130 -7.52 29.95 9.69
N SER C 131 -8.78 29.88 10.15
CA SER C 131 -9.06 30.42 11.47
C SER C 131 -8.44 29.56 12.56
N VAL C 132 -8.23 28.26 12.30
CA VAL C 132 -7.51 27.44 13.27
C VAL C 132 -6.03 27.78 13.27
N LEU C 133 -5.44 27.98 12.08
CA LEU C 133 -4.02 28.34 12.02
C LEU C 133 -3.75 29.61 12.81
N SER C 134 -4.67 30.59 12.76
CA SER C 134 -4.46 31.89 13.39
C SER C 134 -4.63 31.87 14.90
N ALA C 135 -5.39 30.91 15.43
CA ALA C 135 -5.76 30.97 16.82
C ALA C 135 -5.34 29.75 17.62
N SER C 136 -4.82 28.72 17.00
CA SER C 136 -4.62 27.50 17.74
C SER C 136 -3.40 27.66 18.64
N PRO C 137 -3.54 27.47 19.95
CA PRO C 137 -2.37 27.50 20.85
C PRO C 137 -1.44 26.28 20.74
N SER C 138 -1.88 25.16 20.18
CA SER C 138 -1.04 23.96 20.22
C SER C 138 -0.60 23.46 18.85
N LEU C 139 -1.47 23.52 17.85
CA LEU C 139 -1.31 22.78 16.61
C LEU C 139 0.04 23.07 15.93
N LYS C 140 0.84 22.02 15.72
CA LYS C 140 2.14 22.18 15.07
C LYS C 140 2.23 21.55 13.70
N GLU C 141 1.37 20.59 13.38
CA GLU C 141 1.40 19.94 12.07
C GLU C 141 -0.03 19.70 11.59
N LEU C 142 -0.26 19.89 10.30
CA LEU C 142 -1.58 19.72 9.71
C LEU C 142 -1.42 19.15 8.30
N ASP C 143 -1.99 17.97 8.07
CA ASP C 143 -1.80 17.23 6.83
C ASP C 143 -3.09 17.29 6.04
N LEU C 144 -3.04 17.94 4.87
CA LEU C 144 -4.20 18.09 4.00
C LEU C 144 -4.02 17.40 2.65
N GLN C 145 -2.91 16.68 2.44
CA GLN C 145 -2.71 15.92 1.20
C GLN C 145 -3.94 15.12 0.80
N GLN C 146 -4.04 14.84 -0.51
CA GLN C 146 -5.15 14.08 -1.11
C GLN C 146 -6.50 14.77 -0.90
N ASN C 147 -6.51 16.10 -0.84
CA ASN C 147 -7.75 16.85 -0.89
C ASN C 147 -7.66 17.84 -2.04
N ASN C 148 -8.80 18.10 -2.69
CA ASN C 148 -8.82 19.02 -3.84
C ASN C 148 -8.95 20.46 -3.31
N LEU C 149 -7.79 21.03 -2.95
CA LEU C 149 -7.67 22.42 -2.55
C LEU C 149 -7.14 23.22 -3.73
N ASP C 150 -7.78 24.32 -4.06
CA ASP C 150 -7.33 25.13 -5.18
C ASP C 150 -6.71 26.44 -4.69
N ASP C 151 -6.32 27.27 -5.67
CA ASP C 151 -5.66 28.54 -5.39
C ASP C 151 -6.47 29.41 -4.41
N VAL C 152 -7.80 29.39 -4.52
CA VAL C 152 -8.60 30.19 -3.61
C VAL C 152 -8.40 29.71 -2.18
N GLY C 153 -8.62 28.41 -1.93
CA GLY C 153 -8.51 27.89 -0.58
C GLY C 153 -7.13 28.06 0.03
N VAL C 154 -6.08 27.80 -0.78
CA VAL C 154 -4.71 27.91 -0.27
C VAL C 154 -4.41 29.36 0.14
N ARG C 155 -4.87 30.34 -0.66
CA ARG C 155 -4.62 31.73 -0.27
C ARG C 155 -5.28 32.04 1.06
N LEU C 156 -6.45 31.44 1.31
CA LEU C 156 -7.05 31.52 2.64
C LEU C 156 -6.14 30.90 3.69
N LEU C 157 -5.46 29.79 3.35
CA LEU C 157 -4.54 29.17 4.30
C LEU C 157 -3.29 30.04 4.52
N CYS C 158 -2.77 30.66 3.46
CA CYS C 158 -1.61 31.55 3.60
C CYS C 158 -1.88 32.71 4.56
N GLU C 159 -3.09 33.25 4.56
CA GLU C 159 -3.41 34.31 5.52
C GLU C 159 -3.29 33.83 6.95
N GLY C 160 -3.78 32.61 7.24
CA GLY C 160 -3.64 32.06 8.58
C GLY C 160 -2.19 31.76 8.94
N LEU C 161 -1.38 31.41 7.95
CA LEU C 161 0.03 31.12 8.19
C LEU C 161 0.85 32.39 8.46
N ARG C 162 0.49 33.51 7.82
CA ARG C 162 1.21 34.76 8.05
C ARG C 162 0.88 35.39 9.39
N HIS C 163 -0.21 34.96 10.01
CA HIS C 163 -0.62 35.47 11.30
C HIS C 163 0.50 35.27 12.33
N PRO C 164 0.78 36.25 13.19
CA PRO C 164 1.91 36.11 14.10
C PRO C 164 1.71 35.06 15.18
N ALA C 165 0.48 34.61 15.43
CA ALA C 165 0.24 33.63 16.47
C ALA C 165 0.29 32.19 15.95
N CYS C 166 0.44 32.02 14.64
CA CYS C 166 0.44 30.68 14.06
C CYS C 166 1.74 29.95 14.37
N LYS C 167 1.63 28.82 15.07
CA LYS C 167 2.78 27.99 15.43
C LYS C 167 2.85 26.70 14.60
N LEU C 168 2.52 26.78 13.31
CA LEU C 168 2.64 25.62 12.43
C LEU C 168 4.06 25.52 11.91
N ILE C 169 4.55 24.28 11.76
CA ILE C 169 5.87 24.08 11.18
C ILE C 169 5.80 23.01 10.10
N ARG C 170 4.63 22.39 9.96
CA ARG C 170 4.43 21.32 8.99
C ARG C 170 3.02 21.40 8.42
N LEU C 171 2.94 21.76 7.14
CA LEU C 171 1.70 21.71 6.39
C LEU C 171 1.88 20.68 5.27
N GLY C 172 1.14 19.58 5.38
CA GLY C 172 1.06 18.65 4.27
C GLY C 172 0.03 19.16 3.29
N LEU C 173 0.47 19.44 2.06
CA LEU C 173 -0.41 20.07 1.07
C LEU C 173 0.11 19.73 -0.32
N ASP C 174 -0.75 19.16 -1.15
CA ASP C 174 -0.39 18.87 -2.53
C ASP C 174 -0.45 20.15 -3.36
N GLN C 175 0.56 20.35 -4.21
CA GLN C 175 0.77 21.61 -4.90
C GLN C 175 0.71 21.53 -6.43
N THR C 176 0.38 20.37 -7.01
CA THR C 176 0.63 20.23 -8.45
C THR C 176 -0.45 20.89 -9.32
N THR C 177 -1.71 20.86 -8.88
CA THR C 177 -2.79 21.51 -9.61
C THR C 177 -2.95 22.99 -9.25
N LEU C 178 -2.01 23.54 -8.48
CA LEU C 178 -2.06 24.96 -8.19
C LEU C 178 -1.50 25.75 -9.39
N SER C 179 -1.86 27.03 -9.44
CA SER C 179 -1.23 27.91 -10.41
C SER C 179 0.24 28.11 -10.06
N ASP C 180 1.02 28.53 -11.06
CA ASP C 180 2.45 28.72 -10.85
C ASP C 180 2.72 29.87 -9.89
N GLU C 181 1.83 30.86 -9.85
CA GLU C 181 2.02 31.97 -8.93
C GLU C 181 1.54 31.63 -7.52
N MET C 182 0.61 30.68 -7.38
CA MET C 182 0.35 30.11 -6.07
C MET C 182 1.59 29.36 -5.56
N ARG C 183 2.28 28.65 -6.45
CA ARG C 183 3.45 27.88 -6.02
C ARG C 183 4.59 28.79 -5.60
N GLN C 184 4.72 29.97 -6.22
CA GLN C 184 5.76 30.91 -5.80
C GLN C 184 5.35 31.69 -4.56
N GLU C 185 4.06 32.04 -4.45
CA GLU C 185 3.56 32.60 -3.21
C GLU C 185 3.73 31.62 -2.05
N LEU C 186 3.61 30.32 -2.31
CA LEU C 186 3.83 29.34 -1.25
C LEU C 186 5.31 29.22 -0.90
N ARG C 187 6.20 29.21 -1.91
CA ARG C 187 7.61 29.11 -1.56
C ARG C 187 8.19 30.46 -1.14
N ALA C 188 7.48 31.56 -1.43
CA ALA C 188 7.81 32.83 -0.80
C ALA C 188 7.46 32.82 0.68
N LEU C 189 6.33 32.22 1.03
CA LEU C 189 5.94 32.15 2.44
C LEU C 189 6.84 31.20 3.22
N GLU C 190 7.37 30.16 2.57
CA GLU C 190 8.25 29.21 3.25
C GLU C 190 9.60 29.86 3.58
N GLN C 191 9.93 30.98 2.95
CA GLN C 191 11.15 31.72 3.24
C GLN C 191 10.94 32.86 4.22
N GLU C 192 9.77 33.51 4.21
CA GLU C 192 9.45 34.45 5.29
C GLU C 192 9.17 33.72 6.60
N LYS C 193 8.66 32.49 6.53
CA LYS C 193 8.49 31.62 7.69
C LYS C 193 9.39 30.42 7.43
N PRO C 194 10.68 30.51 7.78
CA PRO C 194 11.62 29.44 7.41
C PRO C 194 11.59 28.24 8.33
N GLN C 195 11.00 28.39 9.52
CA GLN C 195 10.76 27.26 10.40
C GLN C 195 9.57 26.40 9.94
N LEU C 196 8.97 26.71 8.80
CA LEU C 196 7.77 26.04 8.34
C LEU C 196 8.08 25.25 7.07
N LEU C 197 7.59 24.03 7.03
CA LEU C 197 7.81 23.15 5.90
C LEU C 197 6.46 22.73 5.33
N ILE C 198 6.24 23.08 4.07
CA ILE C 198 5.13 22.58 3.26
C ILE C 198 5.67 21.42 2.46
N PHE C 199 5.17 20.22 2.74
CA PHE C 199 5.70 19.00 2.15
C PHE C 199 4.59 18.27 1.41
N SER C 200 5.03 17.44 0.48
CA SER C 200 4.14 16.54 -0.24
C SER C 200 4.94 15.27 -0.53
N ARG C 201 4.28 14.13 -0.52
CA ARG C 201 4.95 12.87 -0.83
C ARG C 201 4.82 12.65 -2.33
N ARG C 202 5.94 12.66 -3.04
CA ARG C 202 5.93 12.59 -4.51
C ARG C 202 7.28 12.15 -5.06
N VAL D 3 -19.33 -31.89 28.98
CA VAL D 3 -19.42 -31.12 27.75
C VAL D 3 -20.47 -30.01 27.88
N ASP D 4 -20.18 -28.81 27.39
CA ASP D 4 -21.12 -27.69 27.49
C ASP D 4 -20.85 -26.72 26.34
N VAL D 5 -21.30 -25.48 26.48
CA VAL D 5 -21.07 -24.43 25.49
C VAL D 5 -19.81 -23.68 25.92
N PRO D 6 -18.75 -23.72 25.12
CA PRO D 6 -17.54 -22.93 25.43
C PRO D 6 -17.54 -21.58 24.73
N VAL D 7 -16.54 -20.78 25.07
CA VAL D 7 -16.19 -19.66 24.21
C VAL D 7 -15.61 -20.22 22.92
N THR D 8 -16.12 -19.78 21.78
CA THR D 8 -15.70 -20.36 20.51
C THR D 8 -14.38 -19.77 20.02
N ASP D 9 -13.72 -20.51 19.12
CA ASP D 9 -12.55 -20.01 18.39
C ASP D 9 -12.82 -18.67 17.70
N ALA D 10 -14.01 -18.54 17.09
CA ALA D 10 -14.37 -17.29 16.43
C ALA D 10 -14.28 -16.11 17.39
N TYR D 11 -14.75 -16.31 18.63
CA TYR D 11 -14.65 -15.22 19.60
C TYR D 11 -13.19 -14.91 19.95
N TRP D 12 -12.37 -15.94 20.21
CA TRP D 12 -10.98 -15.71 20.60
C TRP D 12 -10.21 -14.99 19.49
N GLN D 13 -10.49 -15.34 18.23
CA GLN D 13 -9.81 -14.69 17.13
C GLN D 13 -10.11 -13.19 17.10
N ILE D 14 -11.38 -12.81 17.23
CA ILE D 14 -11.69 -11.39 17.27
C ILE D 14 -11.06 -10.73 18.49
N LEU D 15 -11.08 -11.40 19.64
CA LEU D 15 -10.49 -10.78 20.82
C LEU D 15 -8.98 -10.57 20.63
N PHE D 16 -8.27 -11.57 20.09
CA PHE D 16 -6.83 -11.39 19.84
C PHE D 16 -6.56 -10.32 18.78
N SER D 17 -7.44 -10.20 17.79
CA SER D 17 -7.27 -9.15 16.79
C SER D 17 -7.36 -7.77 17.42
N VAL D 18 -8.13 -7.65 18.50
CA VAL D 18 -8.31 -6.39 19.22
C VAL D 18 -7.04 -5.99 19.98
N LEU D 19 -6.25 -6.97 20.44
CA LEU D 19 -5.03 -6.65 21.17
C LEU D 19 -4.04 -5.84 20.32
N LYS D 20 -4.17 -5.86 19.00
CA LYS D 20 -3.27 -5.03 18.21
C LYS D 20 -3.54 -3.54 18.38
N VAL D 21 -4.72 -3.14 18.90
CA VAL D 21 -5.09 -1.73 18.81
C VAL D 21 -4.28 -0.83 19.73
N THR D 22 -3.53 -1.40 20.68
CA THR D 22 -2.81 -0.54 21.61
C THR D 22 -1.62 -1.29 22.19
N ARG D 23 -0.50 -0.58 22.34
CA ARG D 23 0.73 -1.05 22.93
C ARG D 23 0.66 -1.16 24.46
N ASN D 24 -0.44 -0.76 25.08
CA ASN D 24 -0.44 -0.51 26.53
C ASN D 24 -0.96 -1.67 27.38
N LEU D 25 -1.56 -2.71 26.79
CA LEU D 25 -2.02 -3.85 27.58
C LEU D 25 -0.83 -4.60 28.16
N LYS D 26 -0.83 -4.82 29.48
CA LYS D 26 0.33 -5.38 30.16
C LYS D 26 0.10 -6.74 30.80
N GLU D 27 -1.15 -7.20 30.90
CA GLU D 27 -1.48 -8.49 31.50
C GLU D 27 -2.68 -9.05 30.77
N LEU D 28 -2.67 -10.35 30.51
CA LEU D 28 -3.80 -11.04 29.90
C LEU D 28 -4.01 -12.34 30.68
N ASP D 29 -5.24 -12.57 31.11
CA ASP D 29 -5.59 -13.70 31.98
C ASP D 29 -6.72 -14.45 31.30
N LEU D 30 -6.41 -15.64 30.75
CA LEU D 30 -7.41 -16.44 30.08
C LEU D 30 -7.77 -17.65 30.91
N SER D 31 -7.31 -17.70 32.16
CA SER D 31 -7.43 -18.92 32.97
C SER D 31 -8.86 -19.43 33.02
N GLY D 32 -9.01 -20.75 32.99
CA GLY D 32 -10.33 -21.37 33.07
C GLY D 32 -11.03 -21.54 31.76
N ASN D 33 -10.38 -21.21 30.65
CA ASN D 33 -11.01 -21.30 29.33
C ASN D 33 -10.28 -22.35 28.51
N SER D 34 -11.02 -23.27 27.92
CA SER D 34 -10.38 -24.30 27.11
C SER D 34 -9.99 -23.71 25.78
N LEU D 35 -8.68 -23.49 25.59
CA LEU D 35 -8.18 -22.92 24.35
C LEU D 35 -7.85 -24.03 23.37
N SER D 36 -8.60 -24.10 22.28
CA SER D 36 -8.25 -25.03 21.22
C SER D 36 -6.84 -24.72 20.68
N HIS D 37 -6.25 -25.72 19.98
CA HIS D 37 -4.97 -25.49 19.34
C HIS D 37 -5.04 -24.31 18.36
N SER D 38 -6.20 -24.07 17.76
CA SER D 38 -6.34 -22.91 16.90
C SER D 38 -6.38 -21.60 17.72
N ALA D 39 -7.04 -21.61 18.88
CA ALA D 39 -6.97 -20.41 19.70
C ALA D 39 -5.53 -20.15 20.15
N VAL D 40 -4.78 -21.21 20.46
CA VAL D 40 -3.44 -21.03 21.01
C VAL D 40 -2.51 -20.44 19.96
N LYS D 41 -2.65 -20.86 18.71
CA LYS D 41 -1.81 -20.30 17.67
C LYS D 41 -2.14 -18.83 17.42
N SER D 42 -3.43 -18.47 17.43
CA SER D 42 -3.81 -17.07 17.34
C SER D 42 -3.14 -16.27 18.46
N LEU D 43 -3.25 -16.76 19.71
CA LEU D 43 -2.55 -16.14 20.83
C LEU D 43 -1.04 -16.01 20.57
N CYS D 44 -0.43 -17.05 20.00
CA CYS D 44 1.01 -17.02 19.72
C CYS D 44 1.37 -15.99 18.65
N LYS D 45 0.54 -15.86 17.62
CA LYS D 45 0.74 -14.79 16.64
C LYS D 45 0.72 -13.42 17.33
N THR D 46 -0.23 -13.19 18.23
CA THR D 46 -0.32 -11.85 18.79
C THR D 46 0.85 -11.57 19.74
N LEU D 47 1.43 -12.64 20.33
CA LEU D 47 2.56 -12.46 21.24
C LEU D 47 3.84 -12.16 20.50
N ARG D 48 3.92 -12.60 19.23
CA ARG D 48 5.08 -12.34 18.39
C ARG D 48 5.25 -10.87 18.03
N ARG D 49 4.15 -10.11 17.99
CA ARG D 49 4.20 -8.75 17.48
C ARG D 49 5.18 -7.88 18.27
N PRO D 50 5.98 -7.06 17.59
CA PRO D 50 6.86 -6.11 18.32
C PRO D 50 6.12 -5.19 19.27
N ARG D 51 4.89 -4.81 18.95
CA ARG D 51 4.10 -3.93 19.79
C ARG D 51 3.27 -4.66 20.86
N CYS D 52 3.43 -5.97 21.03
CA CYS D 52 2.77 -6.66 22.14
C CYS D 52 3.67 -6.58 23.36
N LEU D 53 3.22 -5.88 24.38
CA LEU D 53 4.04 -5.56 25.54
C LEU D 53 3.49 -6.23 26.81
N LEU D 54 2.80 -7.34 26.63
CA LEU D 54 2.37 -8.15 27.75
C LEU D 54 3.55 -8.50 28.65
N GLU D 55 3.40 -8.23 29.95
CA GLU D 55 4.37 -8.66 30.94
C GLU D 55 3.92 -9.92 31.65
N THR D 56 2.61 -10.17 31.68
CA THR D 56 2.00 -11.22 32.46
C THR D 56 0.96 -11.93 31.60
N LEU D 57 1.09 -13.25 31.48
CA LEU D 57 0.13 -14.07 30.73
C LEU D 57 -0.27 -15.28 31.59
N ARG D 58 -1.56 -15.46 31.80
CA ARG D 58 -2.07 -16.48 32.70
C ARG D 58 -2.93 -17.42 31.89
N LEU D 59 -2.47 -18.66 31.74
CA LEU D 59 -3.25 -19.67 31.02
C LEU D 59 -3.50 -20.89 31.88
N ALA D 60 -3.67 -20.69 33.18
CA ALA D 60 -3.97 -21.78 34.11
C ALA D 60 -5.29 -22.47 33.77
N GLY D 61 -5.25 -23.80 33.66
CA GLY D 61 -6.46 -24.59 33.54
C GLY D 61 -7.17 -24.36 32.22
N CYS D 62 -6.42 -24.43 31.12
CA CYS D 62 -6.89 -23.99 29.81
C CYS D 62 -6.90 -25.11 28.79
N GLY D 63 -6.77 -26.36 29.22
CA GLY D 63 -6.71 -27.46 28.27
C GLY D 63 -5.46 -27.51 27.45
N LEU D 64 -4.37 -26.89 27.90
CA LEU D 64 -3.14 -26.88 27.12
C LEU D 64 -2.46 -28.25 27.15
N THR D 65 -1.83 -28.60 26.04
CA THR D 65 -1.10 -29.86 25.94
C THR D 65 0.37 -29.62 25.58
N ALA D 66 1.11 -30.73 25.43
CA ALA D 66 2.53 -30.63 25.14
C ALA D 66 2.78 -29.85 23.86
N GLU D 67 1.95 -30.06 22.86
CA GLU D 67 2.20 -29.39 21.60
C GLU D 67 1.94 -27.90 21.69
N ASP D 68 1.01 -27.48 22.55
CA ASP D 68 0.81 -26.06 22.80
C ASP D 68 2.04 -25.44 23.45
N CYS D 69 2.72 -26.19 24.32
CA CYS D 69 4.01 -25.74 24.82
C CYS D 69 4.96 -25.43 23.69
N LYS D 70 4.90 -26.21 22.61
CA LYS D 70 5.80 -25.97 21.48
C LYS D 70 5.46 -24.66 20.79
N ASP D 71 4.17 -24.34 20.66
CA ASP D 71 3.80 -23.09 20.00
C ASP D 71 4.11 -21.89 20.88
N LEU D 72 3.82 -22.00 22.18
CA LEU D 72 4.19 -20.94 23.10
C LEU D 72 5.69 -20.70 23.08
N ALA D 73 6.49 -21.77 23.15
CA ALA D 73 7.94 -21.59 23.10
C ALA D 73 8.32 -20.79 21.87
N PHE D 74 7.80 -21.19 20.71
CA PHE D 74 8.15 -20.53 19.46
C PHE D 74 7.55 -19.13 19.35
N GLY D 75 6.32 -18.95 19.84
CA GLY D 75 5.74 -17.62 19.83
C GLY D 75 6.57 -16.60 20.59
N LEU D 76 7.27 -17.05 21.65
CA LEU D 76 8.07 -16.19 22.52
C LEU D 76 9.53 -16.05 22.08
N ARG D 77 9.92 -16.49 20.87
CA ARG D 77 11.35 -16.62 20.58
C ARG D 77 12.04 -15.27 20.45
N ALA D 78 11.32 -14.20 20.11
CA ALA D 78 11.94 -12.88 20.05
C ALA D 78 11.26 -11.91 21.03
N ASN D 79 10.46 -12.44 21.95
CA ASN D 79 9.78 -11.63 22.95
C ASN D 79 10.77 -11.25 24.04
N GLN D 80 10.71 -9.97 24.45
CA GLN D 80 11.57 -9.56 25.57
CA GLN D 80 11.60 -9.41 25.47
C GLN D 80 10.84 -8.65 26.55
N THR D 81 9.52 -8.76 26.60
CA THR D 81 8.72 -8.09 27.62
C THR D 81 8.02 -9.05 28.57
N LEU D 82 7.64 -10.25 28.13
CA LEU D 82 6.96 -11.19 29.00
C LEU D 82 7.87 -11.63 30.16
N THR D 83 7.50 -11.28 31.39
CA THR D 83 8.25 -11.72 32.55
C THR D 83 7.50 -12.68 33.48
N GLU D 84 6.19 -12.86 33.33
CA GLU D 84 5.45 -13.83 34.12
C GLU D 84 4.55 -14.69 33.26
N LEU D 85 4.65 -16.02 33.42
CA LEU D 85 3.84 -16.98 32.68
C LEU D 85 3.28 -18.02 33.65
N ASP D 86 1.97 -18.25 33.62
CA ASP D 86 1.32 -19.24 34.49
C ASP D 86 0.66 -20.28 33.62
N LEU D 87 1.13 -21.53 33.70
CA LEU D 87 0.61 -22.65 32.93
C LEU D 87 0.09 -23.79 33.83
N SER D 88 -0.15 -23.51 35.10
CA SER D 88 -0.67 -24.50 36.03
C SER D 88 -1.97 -25.16 35.56
N PHE D 89 -2.20 -26.39 36.03
CA PHE D 89 -3.45 -27.12 35.83
C PHE D 89 -3.73 -27.35 34.36
N ASN D 90 -2.68 -27.52 33.57
CA ASN D 90 -2.73 -28.08 32.24
C ASN D 90 -1.91 -29.36 32.22
N VAL D 91 -2.34 -30.31 31.40
CA VAL D 91 -1.59 -31.57 31.26
C VAL D 91 -0.51 -31.31 30.21
N LEU D 92 0.59 -30.68 30.65
CA LEU D 92 1.72 -30.42 29.76
C LEU D 92 2.60 -31.65 29.59
N THR D 93 2.81 -32.42 30.67
CA THR D 93 3.69 -33.61 30.68
C THR D 93 5.13 -33.19 30.46
N ASP D 94 6.06 -34.14 30.72
CA ASP D 94 7.48 -33.86 30.57
C ASP D 94 7.81 -33.40 29.16
N ALA D 95 7.14 -33.96 28.16
CA ALA D 95 7.36 -33.51 26.79
C ALA D 95 7.03 -32.04 26.61
N GLY D 96 6.04 -31.53 27.34
CA GLY D 96 5.70 -30.12 27.19
C GLY D 96 6.69 -29.22 27.90
N ALA D 97 7.02 -29.55 29.14
CA ALA D 97 8.10 -28.84 29.84
C ALA D 97 9.38 -28.82 29.01
N LYS D 98 9.69 -29.93 28.32
CA LYS D 98 10.89 -29.99 27.47
C LYS D 98 10.84 -28.96 26.35
N HIS D 99 9.71 -28.87 25.62
CA HIS D 99 9.57 -27.78 24.65
C HIS D 99 9.77 -26.42 25.31
N LEU D 100 9.24 -26.24 26.53
CA LEU D 100 9.36 -24.93 27.19
C LEU D 100 10.81 -24.63 27.53
N CYS D 101 11.54 -25.62 28.08
CA CYS D 101 12.94 -25.42 28.42
C CYS D 101 13.82 -25.10 27.19
N GLN D 102 13.41 -25.46 25.97
CA GLN D 102 14.21 -25.04 24.81
C GLN D 102 14.25 -23.53 24.70
N ARG D 103 13.17 -22.86 25.06
CA ARG D 103 13.17 -21.39 25.06
C ARG D 103 13.76 -20.82 26.35
N LEU D 104 13.47 -21.44 27.51
CA LEU D 104 13.82 -20.83 28.79
C LEU D 104 15.31 -20.84 29.04
N ARG D 105 16.03 -21.81 28.50
CA ARG D 105 17.47 -21.89 28.66
C ARG D 105 18.23 -20.93 27.76
N GLN D 106 17.56 -20.22 26.85
CA GLN D 106 18.29 -19.29 26.00
C GLN D 106 18.56 -18.00 26.76
N PRO D 107 19.78 -17.45 26.67
CA PRO D 107 20.07 -16.17 27.35
C PRO D 107 19.20 -15.01 26.91
N SER D 108 18.58 -15.06 25.74
CA SER D 108 17.73 -13.95 25.28
C SER D 108 16.33 -14.00 25.90
N CYS D 109 15.99 -15.07 26.60
CA CYS D 109 14.69 -15.18 27.25
C CYS D 109 14.71 -14.37 28.55
N LYS D 110 13.69 -13.55 28.75
CA LYS D 110 13.61 -12.61 29.87
C LYS D 110 12.56 -13.03 30.90
N LEU D 111 12.06 -14.25 30.83
CA LEU D 111 11.03 -14.69 31.76
C LEU D 111 11.58 -14.74 33.18
N GLN D 112 10.85 -14.13 34.12
CA GLN D 112 11.30 -14.09 35.51
C GLN D 112 10.54 -15.05 36.42
N ARG D 113 9.25 -15.29 36.19
CA ARG D 113 8.43 -16.11 37.06
C ARG D 113 7.64 -17.08 36.22
N LEU D 114 7.67 -18.35 36.58
CA LEU D 114 7.04 -19.40 35.80
C LEU D 114 6.37 -20.37 36.76
N GLN D 115 5.07 -20.60 36.60
CA GLN D 115 4.34 -21.56 37.44
C GLN D 115 3.90 -22.71 36.57
N LEU D 116 4.24 -23.92 37.03
CA LEU D 116 3.90 -25.20 36.41
C LEU D 116 3.20 -26.10 37.43
N VAL D 117 2.38 -25.52 38.29
CA VAL D 117 1.71 -26.26 39.36
C VAL D 117 0.74 -27.26 38.75
N SER D 118 0.89 -28.53 39.11
CA SER D 118 -0.03 -29.58 38.67
C SER D 118 -0.10 -29.71 37.15
N CYS D 119 1.07 -29.95 36.53
CA CYS D 119 1.16 -30.05 35.07
C CYS D 119 1.46 -31.47 34.59
N GLY D 120 1.25 -32.47 35.45
CA GLY D 120 1.62 -33.83 35.09
C GLY D 120 3.11 -34.02 34.83
N LEU D 121 3.97 -33.30 35.55
CA LEU D 121 5.42 -33.44 35.40
C LEU D 121 5.92 -34.52 36.35
N THR D 122 7.01 -35.18 35.93
CA THR D 122 7.68 -36.19 36.76
C THR D 122 9.17 -35.92 36.77
N SER D 123 9.94 -36.84 37.37
CA SER D 123 11.39 -36.63 37.43
C SER D 123 12.05 -36.72 36.06
N ASP D 124 11.36 -37.22 35.03
CA ASP D 124 11.93 -37.24 33.70
C ASP D 124 12.03 -35.84 33.06
N CYS D 125 11.53 -34.79 33.71
CA CYS D 125 11.74 -33.45 33.15
C CYS D 125 12.81 -32.67 33.89
N CYS D 126 13.33 -33.21 35.00
CA CYS D 126 14.18 -32.42 35.87
C CYS D 126 15.55 -32.14 35.28
N GLN D 127 16.01 -32.91 34.30
CA GLN D 127 17.28 -32.57 33.65
C GLN D 127 17.08 -31.44 32.67
N ASP D 128 15.94 -31.41 31.96
CA ASP D 128 15.61 -30.25 31.16
C ASP D 128 15.42 -29.01 32.05
N LEU D 129 14.73 -29.16 33.19
CA LEU D 129 14.56 -28.02 34.09
C LEU D 129 15.90 -27.63 34.72
N ALA D 130 16.73 -28.60 35.11
CA ALA D 130 18.04 -28.29 35.69
C ALA D 130 18.88 -27.46 34.73
N SER D 131 18.78 -27.73 33.43
CA SER D 131 19.63 -26.99 32.51
C SER D 131 19.13 -25.57 32.32
N VAL D 132 17.87 -25.29 32.65
CA VAL D 132 17.42 -23.90 32.68
C VAL D 132 17.92 -23.21 33.95
N LEU D 133 17.80 -23.89 35.10
CA LEU D 133 18.35 -23.34 36.34
C LEU D 133 19.82 -22.96 36.21
N SER D 134 20.62 -23.81 35.58
CA SER D 134 22.04 -23.54 35.55
C SER D 134 22.46 -22.49 34.51
N ALA D 135 21.59 -22.07 33.58
CA ALA D 135 21.99 -21.22 32.46
C ALA D 135 21.17 -19.95 32.28
N SER D 136 20.01 -19.84 32.92
CA SER D 136 19.11 -18.74 32.65
C SER D 136 19.56 -17.49 33.39
N PRO D 137 19.72 -16.37 32.70
CA PRO D 137 20.11 -15.11 33.38
C PRO D 137 18.93 -14.39 34.01
N SER D 138 17.72 -14.92 33.89
CA SER D 138 16.53 -14.14 34.20
C SER D 138 15.55 -14.81 35.14
N LEU D 139 15.44 -16.15 35.06
CA LEU D 139 14.38 -16.86 35.79
C LEU D 139 14.62 -16.78 37.28
N LYS D 140 13.65 -16.22 38.00
CA LYS D 140 13.75 -15.96 39.43
C LYS D 140 12.86 -16.84 40.27
N GLU D 141 11.70 -17.19 39.76
CA GLU D 141 10.76 -18.01 40.52
C GLU D 141 10.22 -19.10 39.63
N LEU D 142 10.16 -20.30 40.18
CA LEU D 142 9.73 -21.49 39.46
C LEU D 142 8.90 -22.32 40.43
N ASP D 143 7.63 -22.56 40.09
CA ASP D 143 6.73 -23.30 40.98
C ASP D 143 6.39 -24.65 40.36
N LEU D 144 6.81 -25.73 41.02
CA LEU D 144 6.60 -27.09 40.54
C LEU D 144 5.68 -27.92 41.43
N GLN D 145 5.03 -27.31 42.42
CA GLN D 145 4.20 -28.07 43.34
C GLN D 145 3.09 -28.87 42.62
N GLN D 146 2.57 -29.86 43.32
CA GLN D 146 1.52 -30.73 42.81
C GLN D 146 1.97 -31.43 41.54
N ASN D 147 3.28 -31.67 41.43
CA ASN D 147 3.83 -32.61 40.47
C ASN D 147 4.58 -33.70 41.20
N ASN D 148 4.46 -34.93 40.72
CA ASN D 148 5.13 -36.09 41.34
C ASN D 148 6.60 -36.12 40.92
N LEU D 149 7.40 -35.27 41.58
CA LEU D 149 8.84 -35.31 41.48
C LEU D 149 9.41 -36.01 42.70
N ASP D 150 10.37 -36.91 42.50
CA ASP D 150 10.90 -37.63 43.64
C ASP D 150 12.36 -37.24 43.90
N ASP D 151 12.99 -37.96 44.84
CA ASP D 151 14.36 -37.67 45.25
C ASP D 151 15.29 -37.58 44.04
N VAL D 152 15.16 -38.50 43.09
CA VAL D 152 16.08 -38.48 41.97
C VAL D 152 15.88 -37.22 41.14
N GLY D 153 14.63 -36.83 40.90
CA GLY D 153 14.37 -35.62 40.14
C GLY D 153 14.79 -34.36 40.88
N VAL D 154 14.51 -34.30 42.19
CA VAL D 154 14.90 -33.14 43.00
C VAL D 154 16.43 -33.05 43.10
N ARG D 155 17.13 -34.17 43.22
CA ARG D 155 18.59 -34.09 43.25
C ARG D 155 19.13 -33.53 41.94
N LEU D 156 18.49 -33.88 40.83
CA LEU D 156 18.87 -33.27 39.55
C LEU D 156 18.63 -31.76 39.56
N LEU D 157 17.55 -31.31 40.21
CA LEU D 157 17.30 -29.87 40.29
C LEU D 157 18.42 -29.18 41.06
N CYS D 158 18.83 -29.78 42.18
CA CYS D 158 19.84 -29.16 43.04
C CYS D 158 21.16 -28.94 42.32
N GLU D 159 21.60 -29.90 41.49
CA GLU D 159 22.84 -29.69 40.75
C GLU D 159 22.74 -28.46 39.85
N GLY D 160 21.54 -28.18 39.33
CA GLY D 160 21.36 -26.93 38.60
C GLY D 160 21.46 -25.72 39.51
N LEU D 161 20.89 -25.82 40.71
CA LEU D 161 20.90 -24.68 41.64
C LEU D 161 22.29 -24.40 42.17
N ARG D 162 23.13 -25.43 42.31
CA ARG D 162 24.49 -25.22 42.81
C ARG D 162 25.36 -24.47 41.80
N HIS D 163 24.95 -24.38 40.55
CA HIS D 163 25.72 -23.61 39.61
C HIS D 163 25.89 -22.18 40.10
N PRO D 164 27.09 -21.60 40.02
CA PRO D 164 27.26 -20.20 40.41
C PRO D 164 26.36 -19.27 39.65
N ALA D 165 26.08 -19.58 38.39
CA ALA D 165 25.30 -18.69 37.54
C ALA D 165 23.80 -18.71 37.84
N CYS D 166 23.31 -19.65 38.66
CA CYS D 166 21.88 -19.77 38.90
C CYS D 166 21.33 -18.57 39.65
N LYS D 167 20.27 -17.99 39.10
CA LYS D 167 19.61 -16.79 39.61
C LYS D 167 18.32 -17.07 40.39
N LEU D 168 17.89 -18.31 40.47
CA LEU D 168 16.62 -18.61 41.10
C LEU D 168 16.64 -18.18 42.56
N ILE D 169 15.58 -17.51 43.01
CA ILE D 169 15.44 -17.16 44.42
C ILE D 169 14.25 -17.84 45.09
N ARG D 170 13.43 -18.58 44.35
CA ARG D 170 12.23 -19.19 44.92
C ARG D 170 11.89 -20.40 44.09
N LEU D 171 11.90 -21.56 44.71
CA LEU D 171 11.54 -22.80 44.03
C LEU D 171 10.41 -23.43 44.82
N GLY D 172 9.22 -23.50 44.21
CA GLY D 172 8.09 -24.21 44.76
C GLY D 172 8.13 -25.72 44.54
N LEU D 173 8.15 -26.48 45.62
CA LEU D 173 8.41 -27.90 45.51
C LEU D 173 7.63 -28.64 46.58
N ASP D 174 6.85 -29.65 46.18
CA ASP D 174 6.28 -30.60 47.14
C ASP D 174 7.40 -31.33 47.86
N GLN D 175 7.42 -31.27 49.20
CA GLN D 175 8.56 -31.83 49.91
C GLN D 175 8.22 -32.94 50.89
N THR D 176 6.98 -33.02 51.37
CA THR D 176 6.67 -33.97 52.42
C THR D 176 6.78 -35.41 51.93
N THR D 177 6.55 -35.65 50.65
CA THR D 177 6.73 -36.97 50.03
C THR D 177 8.17 -37.28 49.67
N LEU D 178 9.12 -36.40 50.00
CA LEU D 178 10.53 -36.64 49.79
C LEU D 178 11.12 -37.37 51.00
N SER D 179 12.28 -37.98 50.80
CA SER D 179 12.95 -38.69 51.87
C SER D 179 13.49 -37.70 52.89
N ASP D 180 13.91 -38.23 54.04
CA ASP D 180 14.40 -37.38 55.12
C ASP D 180 15.74 -36.75 54.78
N GLU D 181 16.62 -37.50 54.12
CA GLU D 181 17.90 -36.93 53.71
C GLU D 181 17.77 -35.99 52.53
N MET D 182 16.73 -36.14 51.70
CA MET D 182 16.51 -35.18 50.64
C MET D 182 16.17 -33.80 51.22
N ARG D 183 15.25 -33.76 52.19
CA ARG D 183 14.91 -32.48 52.82
C ARG D 183 16.12 -31.84 53.49
N GLN D 184 17.09 -32.64 53.94
CA GLN D 184 18.26 -32.06 54.58
C GLN D 184 19.18 -31.40 53.57
N GLU D 185 19.40 -32.03 52.40
CA GLU D 185 20.20 -31.35 51.39
C GLU D 185 19.49 -30.11 50.87
N LEU D 186 18.16 -30.12 50.86
CA LEU D 186 17.44 -28.90 50.52
C LEU D 186 17.77 -27.80 51.51
N ARG D 187 17.56 -28.05 52.80
CA ARG D 187 17.88 -27.04 53.81
C ARG D 187 19.36 -26.68 53.77
N ALA D 188 20.23 -27.66 53.55
CA ALA D 188 21.65 -27.33 53.48
C ALA D 188 21.96 -26.53 52.24
N LEU D 189 21.22 -26.75 51.16
CA LEU D 189 21.41 -25.95 49.97
C LEU D 189 20.96 -24.51 50.19
N GLU D 190 19.94 -24.33 51.02
CA GLU D 190 19.45 -23.00 51.37
C GLU D 190 20.45 -22.19 52.19
N GLN D 191 21.51 -22.82 52.69
CA GLN D 191 22.56 -22.10 53.40
C GLN D 191 23.70 -21.70 52.48
N GLU D 192 24.17 -22.63 51.65
CA GLU D 192 25.23 -22.31 50.71
C GLU D 192 24.79 -21.28 49.67
N LYS D 193 23.48 -21.20 49.41
CA LYS D 193 22.88 -20.19 48.56
C LYS D 193 21.82 -19.47 49.40
N PRO D 194 22.23 -18.55 50.28
CA PRO D 194 21.28 -17.99 51.24
C PRO D 194 20.17 -17.17 50.60
N GLN D 195 20.38 -16.71 49.36
CA GLN D 195 19.39 -15.96 48.58
C GLN D 195 18.22 -16.82 48.13
N LEU D 196 18.22 -18.12 48.39
CA LEU D 196 17.24 -19.05 47.83
C LEU D 196 16.33 -19.58 48.92
N LEU D 197 15.09 -19.88 48.53
CA LEU D 197 14.13 -20.50 49.41
C LEU D 197 13.38 -21.57 48.61
N ILE D 198 13.46 -22.81 49.07
CA ILE D 198 12.60 -23.89 48.57
C ILE D 198 11.36 -23.89 49.46
N PHE D 199 10.17 -23.89 48.86
CA PHE D 199 8.94 -23.68 49.61
C PHE D 199 7.82 -24.59 49.15
N SER D 200 6.75 -24.57 49.94
CA SER D 200 5.56 -25.36 49.72
C SER D 200 4.43 -24.71 50.50
N ARG D 201 3.22 -24.80 49.98
CA ARG D 201 2.08 -24.21 50.68
C ARG D 201 1.53 -25.20 51.72
P PO4 E . 6.03 -14.19 11.25
O1 PO4 E . 5.21 -13.99 9.97
O2 PO4 E . 7.11 -15.21 11.00
O3 PO4 E . 5.15 -14.70 12.37
O4 PO4 E . 6.62 -12.85 11.65
NA NA F . 12.39 -11.60 -3.01
P PO4 G . 10.94 16.83 10.59
O1 PO4 G . 9.66 16.02 10.59
O2 PO4 G . 11.90 16.38 11.69
O3 PO4 G . 10.58 18.27 10.86
O4 PO4 G . 11.62 16.79 9.25
#